data_5BWU
#
_entry.id   5BWU
#
_cell.length_a   69.343
_cell.length_b   106.221
_cell.length_c   107.498
_cell.angle_alpha   90.000
_cell.angle_beta   90.000
_cell.angle_gamma   90.000
#
_symmetry.space_group_name_H-M   'P 21 21 21'
#
loop_
_entity.id
_entity.type
_entity.pdbx_description
1 polymer 'Branched-chain-amino-acid aminotransferase, mitochondrial'
2 non-polymer "PYRIDOXAL-5'-PHOSPHATE"
3 non-polymer 2-[(4-bromobenzyl)amino]-5-propyl[1,2,4]triazolo[1,5-a]pyrimidin-7(4H)-one
4 non-polymer 1,2-ETHANEDIOL
5 water water
#
_entity_poly.entity_id   1
_entity_poly.type   'polypeptide(L)'
_entity_poly.pdbx_seq_one_letter_code
;GSHMASSSFKAADLQLEMTQKPHKKPGPGEPLVFGKTFTDHMLMVEWNDKGWGQPRIQPFQNLTLHPASSSLHYSLQLFE
GMKAFKGKDQQVRLFRPWLNMDRMLRSAMRLCLPSFDKLELLECIRRLIEVDKDWVPDAAGTSLYVRPVLIGNEPSLGVS
QPTRALLFVILCPVGAYFPGGSVTPVSLLADPAFIRAWVGGVGNYKLGGNYGPTVLVQQEALKRGCEQVLWLYGPDHQLT
EVGTMNIFVYWTHEDGVLELVTPPLNGVILPGVVRQSLLDMAQTWGEFRVVERTITMKQLLRALEEGRVREVFGSGTACQ
VCPVHRILYKDRNLHIPTMENGPELILRFQKELKEIQYGIRAHEWMFPV
;
_entity_poly.pdbx_strand_id   A,B
#
# COMPACT_ATOMS: atom_id res chain seq x y z
N SER A 7 16.56 -2.09 -20.83
CA SER A 7 16.39 -1.00 -21.85
C SER A 7 15.55 0.15 -21.28
N SER A 8 15.30 1.17 -22.12
CA SER A 8 14.52 2.32 -21.70
C SER A 8 13.90 3.01 -22.89
N PHE A 9 12.81 3.72 -22.63
CA PHE A 9 12.24 4.60 -23.62
C PHE A 9 13.22 5.79 -23.83
N LYS A 10 13.15 6.40 -25.00
CA LYS A 10 14.04 7.50 -25.35
C LYS A 10 13.18 8.69 -25.62
N ALA A 11 13.65 9.85 -25.16
CA ALA A 11 12.94 11.10 -25.47
C ALA A 11 12.90 11.39 -26.95
N ALA A 12 13.86 10.88 -27.71
CA ALA A 12 13.90 11.13 -29.18
C ALA A 12 12.73 10.47 -29.89
N ASP A 13 12.18 9.41 -29.29
CA ASP A 13 11.02 8.70 -29.84
C ASP A 13 9.69 9.32 -29.40
N LEU A 14 9.72 10.43 -28.68
CA LEU A 14 8.47 11.07 -28.21
C LEU A 14 7.48 11.33 -29.32
N GLN A 15 6.22 11.02 -29.04
CA GLN A 15 5.12 11.27 -29.94
C GLN A 15 4.33 12.40 -29.27
N LEU A 16 3.88 13.39 -30.03
CA LEU A 16 3.11 14.51 -29.48
C LEU A 16 1.69 14.55 -30.03
N GLU A 17 0.71 14.67 -29.14
CA GLU A 17 -0.67 14.83 -29.53
C GLU A 17 -1.21 16.02 -28.77
N MET A 18 -1.18 17.18 -29.44
CA MET A 18 -1.68 18.39 -28.85
C MET A 18 -3.17 18.27 -28.63
N THR A 19 -3.66 19.04 -27.68
CA THR A 19 -5.04 18.95 -27.32
C THR A 19 -5.90 19.79 -28.26
N GLN A 20 -7.12 19.32 -28.46
CA GLN A 20 -8.14 19.98 -29.26
C GLN A 20 -9.28 20.53 -28.36
N LYS A 21 -9.19 20.34 -27.04
CA LYS A 21 -10.17 20.92 -26.09
C LYS A 21 -9.40 21.52 -24.91
N PRO A 22 -8.57 22.53 -25.19
CA PRO A 22 -7.75 23.13 -24.12
C PRO A 22 -8.61 23.66 -23.00
N HIS A 23 -8.30 23.27 -21.77
CA HIS A 23 -9.08 23.69 -20.64
C HIS A 23 -8.76 25.15 -20.27
N LYS A 24 -9.76 25.82 -19.70
CA LYS A 24 -9.64 27.20 -19.25
C LYS A 24 -8.70 27.23 -18.04
N LYS A 25 -7.67 28.07 -18.10
CA LYS A 25 -6.75 28.26 -16.98
C LYS A 25 -7.42 28.95 -15.79
N PRO A 26 -6.87 28.80 -14.57
CA PRO A 26 -7.52 29.43 -13.41
C PRO A 26 -7.41 30.95 -13.45
N GLY A 27 -8.53 31.63 -13.16
CA GLY A 27 -8.59 33.10 -13.14
C GLY A 27 -8.02 33.68 -11.86
N GLU A 30 -8.01 34.50 -7.55
CA GLU A 30 -8.69 33.22 -7.39
C GLU A 30 -7.76 32.19 -6.70
N PRO A 31 -8.32 31.29 -5.87
CA PRO A 31 -7.46 30.38 -5.13
C PRO A 31 -7.15 29.06 -5.85
N LEU A 32 -5.88 28.66 -5.80
CA LEU A 32 -5.43 27.37 -6.31
C LEU A 32 -5.34 26.39 -5.14
N VAL A 33 -6.25 25.42 -5.09
CA VAL A 33 -6.22 24.38 -4.06
C VAL A 33 -5.23 23.33 -4.55
N PHE A 34 -4.30 22.94 -3.68
CA PHE A 34 -3.24 22.02 -4.07
C PHE A 34 -3.79 20.75 -4.70
N GLY A 35 -3.20 20.37 -5.83
CA GLY A 35 -3.43 19.09 -6.47
C GLY A 35 -4.81 18.78 -7.00
N LYS A 36 -5.62 19.83 -7.18
CA LYS A 36 -6.96 19.68 -7.73
C LYS A 36 -7.12 20.21 -9.16
N THR A 37 -6.19 21.03 -9.65
CA THR A 37 -6.30 21.63 -10.99
C THR A 37 -5.19 21.08 -11.88
N PHE A 38 -5.56 20.57 -13.05
CA PHE A 38 -4.60 19.91 -13.92
C PHE A 38 -4.41 20.64 -15.24
N THR A 39 -3.25 20.44 -15.84
CA THR A 39 -2.94 21.08 -17.12
C THR A 39 -3.51 20.27 -18.28
N ASP A 40 -3.32 20.79 -19.49
CA ASP A 40 -3.90 20.22 -20.70
C ASP A 40 -3.30 18.93 -21.15
N HIS A 41 -2.04 18.67 -20.81
CA HIS A 41 -1.39 17.45 -21.30
C HIS A 41 -0.80 16.55 -20.22
N MET A 42 -0.41 15.34 -20.63
CA MET A 42 0.19 14.35 -19.75
C MET A 42 1.21 13.52 -20.51
N LEU A 43 2.21 13.00 -19.78
CA LEU A 43 3.13 12.03 -20.34
C LEU A 43 2.57 10.64 -20.07
N MET A 44 2.84 9.71 -20.99
CA MET A 44 2.36 8.33 -20.89
C MET A 44 3.36 7.42 -21.58
N VAL A 45 3.79 6.38 -20.88
CA VAL A 45 4.72 5.39 -21.44
C VAL A 45 4.34 4.01 -20.90
N GLU A 46 4.17 3.03 -21.79
CA GLU A 46 3.78 1.68 -21.39
C GLU A 46 4.95 0.73 -21.45
N TRP A 47 4.93 -0.28 -20.58
CA TRP A 47 5.94 -1.33 -20.57
C TRP A 47 5.23 -2.68 -20.65
N ASN A 48 5.86 -3.64 -21.31
CA ASN A 48 5.35 -5.02 -21.33
C ASN A 48 6.48 -6.01 -21.64
N ASP A 49 6.14 -7.22 -22.10
CA ASP A 49 7.16 -8.21 -22.43
C ASP A 49 8.08 -7.79 -23.57
N LYS A 50 7.66 -6.82 -24.38
CA LYS A 50 8.51 -6.23 -25.44
C LYS A 50 9.40 -5.08 -24.92
N GLY A 51 9.26 -4.74 -23.65
CA GLY A 51 9.96 -3.60 -23.10
C GLY A 51 9.12 -2.34 -23.15
N TRP A 52 9.80 -1.22 -23.13
CA TRP A 52 9.13 0.05 -23.12
C TRP A 52 8.66 0.42 -24.50
N GLY A 53 7.42 0.83 -24.61
CA GLY A 53 6.92 1.40 -25.83
C GLY A 53 7.44 2.81 -25.98
N GLN A 54 6.83 3.58 -26.87
CA GLN A 54 7.32 4.93 -27.12
C GLN A 54 6.62 5.91 -26.19
N PRO A 55 7.37 6.84 -25.62
CA PRO A 55 6.71 7.81 -24.75
C PRO A 55 5.84 8.74 -25.55
N ARG A 56 4.66 9.09 -25.03
CA ARG A 56 3.87 10.12 -25.67
C ARG A 56 3.36 11.21 -24.72
N ILE A 57 3.33 12.43 -25.25
CA ILE A 57 2.69 13.56 -24.62
C ILE A 57 1.34 13.65 -25.32
N GLN A 58 0.28 13.68 -24.54
CA GLN A 58 -1.03 13.61 -25.11
C GLN A 58 -1.99 14.41 -24.27
N PRO A 59 -3.23 14.60 -24.75
CA PRO A 59 -4.18 15.33 -23.92
C PRO A 59 -4.47 14.62 -22.62
N PHE A 60 -4.69 15.41 -21.57
CA PHE A 60 -5.00 14.90 -20.25
C PHE A 60 -6.29 14.08 -20.41
N GLN A 61 -6.24 12.82 -19.98
CA GLN A 61 -7.38 11.92 -20.18
C GLN A 61 -7.35 10.75 -19.20
N ASN A 62 -8.50 10.12 -19.05
CA ASN A 62 -8.60 9.00 -18.13
C ASN A 62 -7.72 7.82 -18.48
N LEU A 63 -7.39 7.03 -17.47
CA LEU A 63 -6.67 5.78 -17.67
C LEU A 63 -7.71 4.70 -17.91
N THR A 64 -7.34 3.69 -18.69
CA THR A 64 -8.23 2.56 -18.96
C THR A 64 -7.50 1.38 -18.38
N LEU A 65 -8.08 0.75 -17.37
CA LEU A 65 -7.42 -0.34 -16.68
C LEU A 65 -8.25 -1.64 -16.58
N HIS A 66 -7.63 -2.76 -16.89
CA HIS A 66 -8.20 -4.09 -16.65
C HIS A 66 -8.59 -4.20 -15.14
N PRO A 67 -9.76 -4.78 -14.83
CA PRO A 67 -10.25 -4.91 -13.45
C PRO A 67 -9.32 -5.66 -12.52
N ALA A 68 -8.55 -6.58 -13.06
CA ALA A 68 -7.54 -7.30 -12.28
C ALA A 68 -6.15 -6.61 -12.20
N SER A 69 -6.01 -5.39 -12.70
CA SER A 69 -4.71 -4.67 -12.70
C SER A 69 -4.04 -4.69 -11.34
N SER A 70 -2.81 -5.22 -11.27
CA SER A 70 -2.14 -5.31 -9.97
C SER A 70 -1.87 -3.96 -9.25
N SER A 71 -1.97 -2.85 -9.98
CA SER A 71 -1.85 -1.54 -9.35
C SER A 71 -2.97 -1.31 -8.33
N LEU A 72 -4.11 -2.00 -8.53
CA LEU A 72 -5.32 -1.79 -7.72
C LEU A 72 -5.59 -2.87 -6.66
N HIS A 73 -4.99 -4.04 -6.84
CA HIS A 73 -5.19 -5.14 -5.91
C HIS A 73 -4.03 -5.24 -4.92
N TYR A 74 -2.80 -5.16 -5.41
CA TYR A 74 -1.62 -5.32 -4.58
C TYR A 74 -0.73 -4.05 -4.52
N SER A 75 -1.33 -2.88 -4.72
CA SER A 75 -0.63 -1.59 -4.57
C SER A 75 0.76 -1.57 -5.22
N LEU A 76 0.85 -2.06 -6.45
CA LEU A 76 2.08 -1.94 -7.24
C LEU A 76 2.06 -0.54 -7.85
N GLN A 77 2.42 0.43 -7.02
CA GLN A 77 2.30 1.81 -7.39
C GLN A 77 3.29 2.63 -6.58
N LEU A 78 3.86 3.63 -7.23
CA LEU A 78 4.77 4.56 -6.62
C LEU A 78 4.60 5.92 -7.29
N PHE A 79 5.01 6.99 -6.64
CA PHE A 79 4.86 8.29 -7.21
C PHE A 79 6.02 9.19 -6.82
N GLU A 80 6.10 10.31 -7.53
CA GLU A 80 7.04 11.38 -7.20
C GLU A 80 6.33 12.71 -7.15
N GLY A 81 7.06 13.69 -6.63
CA GLY A 81 6.55 15.03 -6.49
C GLY A 81 7.69 16.02 -6.59
N MET A 82 7.62 16.94 -7.56
CA MET A 82 8.59 18.02 -7.68
C MET A 82 7.98 19.28 -8.29
N LYS A 83 8.69 20.40 -8.14
CA LYS A 83 8.18 21.67 -8.61
C LYS A 83 9.00 22.32 -9.72
N ALA A 84 8.27 22.98 -10.63
CA ALA A 84 8.91 23.83 -11.60
C ALA A 84 8.51 25.24 -11.23
N PHE A 85 9.46 26.15 -11.37
CA PHE A 85 9.27 27.55 -11.00
C PHE A 85 9.54 28.48 -12.19
N LYS A 86 8.67 29.47 -12.38
CA LYS A 86 8.84 30.49 -13.44
C LYS A 86 9.47 31.76 -12.89
N GLY A 87 10.66 32.11 -13.36
CA GLY A 87 11.30 33.40 -12.97
C GLY A 87 10.64 34.60 -13.64
N LYS A 88 10.99 35.82 -13.22
CA LYS A 88 10.45 37.03 -13.85
C LYS A 88 10.71 37.06 -15.37
N ASP A 89 11.88 36.59 -15.79
CA ASP A 89 12.21 36.48 -17.22
C ASP A 89 11.42 35.38 -17.95
N GLN A 90 10.39 34.82 -17.30
CA GLN A 90 9.54 33.75 -17.88
C GLN A 90 10.28 32.44 -18.14
N GLN A 91 11.50 32.33 -17.62
CA GLN A 91 12.28 31.10 -17.72
C GLN A 91 11.77 30.12 -16.63
N VAL A 92 11.36 28.92 -17.04
CA VAL A 92 10.88 27.88 -16.12
C VAL A 92 12.06 26.98 -15.75
N ARG A 93 12.14 26.61 -14.47
CA ARG A 93 13.19 25.75 -13.98
C ARG A 93 12.66 24.71 -12.98
N LEU A 94 13.16 23.48 -13.08
CA LEU A 94 12.85 22.43 -12.12
C LEU A 94 13.87 22.44 -11.00
N PHE A 95 13.39 22.32 -9.76
CA PHE A 95 14.24 22.21 -8.57
C PHE A 95 14.75 20.79 -8.37
N ARG A 96 16.07 20.63 -8.45
CA ARG A 96 16.83 19.40 -8.18
C ARG A 96 16.21 18.11 -8.68
N PRO A 97 15.67 18.14 -9.91
CA PRO A 97 14.91 17.03 -10.44
C PRO A 97 15.65 15.69 -10.49
N TRP A 98 16.99 15.73 -10.56
CA TRP A 98 17.77 14.50 -10.66
C TRP A 98 17.59 13.63 -9.43
N LEU A 99 17.42 14.27 -8.27
CA LEU A 99 17.18 13.55 -7.03
C LEU A 99 15.82 12.81 -7.04
N ASN A 100 14.81 13.40 -7.64
CA ASN A 100 13.50 12.74 -7.78
C ASN A 100 13.60 11.57 -8.71
N MET A 101 14.38 11.73 -9.78
CA MET A 101 14.55 10.65 -10.72
C MET A 101 15.25 9.50 -10.02
N ASP A 102 16.27 9.80 -9.22
CA ASP A 102 17.01 8.78 -8.48
C ASP A 102 16.07 8.07 -7.53
N ARG A 103 15.26 8.86 -6.83
CA ARG A 103 14.34 8.29 -5.82
C ARG A 103 13.24 7.45 -6.48
N MET A 104 12.76 7.90 -7.65
CA MET A 104 11.75 7.15 -8.38
C MET A 104 12.23 5.78 -8.82
N LEU A 105 13.47 5.72 -9.31
CA LEU A 105 14.03 4.46 -9.73
C LEU A 105 14.25 3.52 -8.52
N ARG A 106 14.65 4.05 -7.36
CA ARG A 106 14.83 3.18 -6.18
C ARG A 106 13.46 2.56 -5.79
N SER A 107 12.42 3.38 -5.83
CA SER A 107 11.06 2.94 -5.57
C SER A 107 10.68 1.83 -6.50
N ALA A 108 10.92 2.04 -7.80
CA ALA A 108 10.61 1.04 -8.82
C ALA A 108 11.32 -0.28 -8.55
N MET A 109 12.60 -0.24 -8.20
CA MET A 109 13.30 -1.48 -7.90
C MET A 109 12.71 -2.16 -6.65
N ARG A 110 12.25 -1.37 -5.69
CA ARG A 110 11.68 -1.95 -4.47
C ARG A 110 10.36 -2.74 -4.74
N LEU A 111 9.58 -2.32 -5.75
CA LEU A 111 8.32 -2.93 -6.13
C LEU A 111 8.40 -3.86 -7.37
N CYS A 112 9.62 -4.19 -7.76
CA CYS A 112 9.89 -5.03 -8.92
C CYS A 112 9.17 -4.50 -10.14
N LEU A 113 9.15 -3.17 -10.27
CA LEU A 113 8.61 -2.50 -11.46
C LEU A 113 9.76 -2.18 -12.40
N PRO A 114 9.48 -2.01 -13.70
CA PRO A 114 10.56 -1.82 -14.67
C PRO A 114 11.46 -0.61 -14.45
N SER A 115 12.75 -0.84 -14.60
CA SER A 115 13.73 0.22 -14.63
C SER A 115 13.56 1.07 -15.90
N PHE A 116 14.13 2.27 -15.86
CA PHE A 116 14.13 3.19 -16.99
C PHE A 116 15.36 4.11 -16.85
N ASP A 117 15.65 4.88 -17.89
CA ASP A 117 16.78 5.82 -17.84
C ASP A 117 16.31 7.16 -17.28
N LYS A 118 16.93 7.56 -16.17
CA LYS A 118 16.56 8.76 -15.43
C LYS A 118 16.64 10.03 -16.25
N LEU A 119 17.68 10.13 -17.10
CA LEU A 119 17.88 11.30 -17.93
C LEU A 119 16.89 11.32 -19.08
N GLU A 120 16.46 10.15 -19.56
CA GLU A 120 15.42 10.11 -20.59
C GLU A 120 14.08 10.57 -20.05
N LEU A 121 13.73 10.11 -18.84
CA LEU A 121 12.44 10.53 -18.24
C LEU A 121 12.45 12.03 -17.98
N LEU A 122 13.54 12.53 -17.40
CA LEU A 122 13.65 13.97 -17.11
C LEU A 122 13.42 14.80 -18.38
N GLU A 123 14.03 14.36 -19.49
CA GLU A 123 13.85 15.05 -20.77
C GLU A 123 12.40 14.98 -21.20
N CYS A 124 11.77 13.80 -21.06
CA CYS A 124 10.35 13.71 -21.41
C CYS A 124 9.52 14.65 -20.54
N ILE A 125 9.84 14.70 -19.25
CA ILE A 125 9.16 15.62 -18.33
C ILE A 125 9.42 17.07 -18.76
N ARG A 126 10.65 17.39 -19.14
CA ARG A 126 10.98 18.73 -19.63
C ARG A 126 10.12 19.09 -20.84
N ARG A 127 10.06 18.19 -21.81
CA ARG A 127 9.22 18.38 -22.99
C ARG A 127 7.77 18.58 -22.64
N LEU A 128 7.30 17.83 -21.64
CA LEU A 128 5.90 17.93 -21.21
C LEU A 128 5.61 19.26 -20.60
N ILE A 129 6.54 19.75 -19.76
CA ILE A 129 6.37 21.07 -19.11
C ILE A 129 6.44 22.19 -20.18
N GLU A 130 7.35 22.04 -21.13
CA GLU A 130 7.50 22.98 -22.23
C GLU A 130 6.19 23.10 -22.99
N VAL A 131 5.55 21.97 -23.31
CA VAL A 131 4.27 22.01 -24.01
C VAL A 131 3.24 22.82 -23.21
N ASP A 132 3.22 22.60 -21.90
CA ASP A 132 2.29 23.27 -20.99
C ASP A 132 2.88 24.46 -20.24
N LYS A 133 3.93 25.08 -20.78
CA LYS A 133 4.63 26.19 -20.10
C LYS A 133 3.73 27.33 -19.64
N ASP A 134 2.67 27.62 -20.39
CA ASP A 134 1.77 28.69 -20.03
C ASP A 134 0.96 28.41 -18.78
N TRP A 135 0.88 27.14 -18.38
CA TRP A 135 0.18 26.75 -17.16
C TRP A 135 0.98 27.08 -15.91
N VAL A 136 2.30 27.28 -16.06
CA VAL A 136 3.17 27.60 -14.93
C VAL A 136 2.98 29.04 -14.50
N PRO A 137 2.43 29.27 -13.31
CA PRO A 137 2.22 30.64 -12.90
C PRO A 137 3.52 31.35 -12.52
N ASP A 138 3.47 32.68 -12.44
CA ASP A 138 4.64 33.46 -12.03
C ASP A 138 4.40 34.41 -10.85
N ALA A 139 3.20 34.44 -10.29
CA ALA A 139 2.96 35.20 -9.07
C ALA A 139 3.89 34.66 -7.98
N ALA A 140 4.24 35.54 -7.03
CA ALA A 140 5.12 35.16 -5.92
C ALA A 140 4.51 33.99 -5.15
N GLY A 141 5.34 33.02 -4.82
CA GLY A 141 4.91 31.84 -4.07
C GLY A 141 4.15 30.80 -4.86
N THR A 142 4.02 30.98 -6.18
CA THR A 142 3.32 29.98 -7.02
C THR A 142 4.34 29.14 -7.79
N SER A 143 3.88 27.97 -8.22
CA SER A 143 4.73 27.04 -8.90
C SER A 143 3.90 26.03 -9.67
N LEU A 144 4.59 25.13 -10.37
CA LEU A 144 3.93 23.99 -11.03
C LEU A 144 4.41 22.68 -10.38
N TYR A 145 3.46 21.90 -9.89
CA TYR A 145 3.71 20.62 -9.26
C TYR A 145 3.65 19.52 -10.31
N VAL A 146 4.69 18.72 -10.34
CA VAL A 146 4.87 17.65 -11.28
C VAL A 146 4.73 16.30 -10.55
N ARG A 147 3.79 15.47 -11.03
CA ARG A 147 3.50 14.17 -10.40
C ARG A 147 3.74 13.00 -11.34
N PRO A 148 4.96 12.47 -11.35
CA PRO A 148 5.21 11.22 -12.06
C PRO A 148 4.68 10.03 -11.21
N VAL A 149 4.19 9.01 -11.90
CA VAL A 149 3.62 7.81 -11.30
C VAL A 149 4.09 6.61 -12.11
N LEU A 150 4.42 5.52 -11.44
CA LEU A 150 4.71 4.24 -12.08
C LEU A 150 3.86 3.20 -11.37
N ILE A 151 3.10 2.42 -12.14
CA ILE A 151 2.21 1.39 -11.63
C ILE A 151 2.38 0.08 -12.40
N GLY A 152 2.19 -1.03 -11.68
CA GLY A 152 2.17 -2.34 -12.27
C GLY A 152 0.82 -2.44 -12.93
N ASN A 153 0.73 -3.27 -13.96
CA ASN A 153 -0.51 -3.35 -14.70
C ASN A 153 -0.80 -4.77 -15.16
N GLU A 154 -0.45 -5.74 -14.31
CA GLU A 154 -0.68 -7.15 -14.59
C GLU A 154 -2.17 -7.47 -14.38
N PRO A 155 -2.85 -8.01 -15.41
CA PRO A 155 -4.24 -8.42 -15.27
C PRO A 155 -4.33 -9.83 -14.64
N SER A 156 -3.85 -9.96 -13.41
CA SER A 156 -3.75 -11.27 -12.77
C SER A 156 -3.82 -11.14 -11.26
N LEU A 157 -4.52 -12.07 -10.62
CA LEU A 157 -4.73 -12.01 -9.17
C LEU A 157 -3.60 -12.68 -8.35
N GLY A 158 -2.62 -13.26 -9.02
CA GLY A 158 -1.47 -13.80 -8.30
C GLY A 158 -0.58 -12.66 -7.83
N VAL A 159 -0.05 -12.75 -6.62
CA VAL A 159 0.86 -11.72 -6.13
C VAL A 159 2.21 -11.99 -6.75
N SER A 160 2.56 -11.23 -7.79
CA SER A 160 3.78 -11.51 -8.55
C SER A 160 4.42 -10.30 -9.24
N GLN A 161 5.67 -10.45 -9.65
CA GLN A 161 6.33 -9.37 -10.39
C GLN A 161 5.56 -9.12 -11.67
N PRO A 162 5.14 -7.86 -11.91
CA PRO A 162 4.33 -7.62 -13.12
C PRO A 162 5.13 -7.72 -14.41
N THR A 163 4.43 -8.16 -15.46
CA THR A 163 4.93 -8.27 -16.83
C THR A 163 4.48 -7.07 -17.69
N ARG A 164 3.65 -6.19 -17.12
CA ARG A 164 3.24 -4.93 -17.75
C ARG A 164 3.25 -3.82 -16.71
N ALA A 165 3.52 -2.61 -17.16
CA ALA A 165 3.50 -1.45 -16.29
C ALA A 165 3.15 -0.20 -17.09
N LEU A 166 2.89 0.88 -16.36
CA LEU A 166 2.46 2.13 -16.94
C LEU A 166 3.11 3.27 -16.17
N LEU A 167 3.83 4.13 -16.91
CA LEU A 167 4.48 5.31 -16.36
C LEU A 167 3.75 6.52 -16.90
N PHE A 168 3.39 7.44 -16.01
CA PHE A 168 2.70 8.62 -16.46
C PHE A 168 2.99 9.80 -15.56
N VAL A 169 2.73 10.99 -16.09
CA VAL A 169 3.05 12.25 -15.41
C VAL A 169 1.95 13.25 -15.66
N ILE A 170 1.44 13.85 -14.61
CA ILE A 170 0.44 14.90 -14.74
C ILE A 170 0.99 16.13 -14.02
N LEU A 171 0.37 17.27 -14.26
CA LEU A 171 0.85 18.54 -13.74
C LEU A 171 -0.27 19.39 -13.16
N CYS A 172 0.02 20.11 -12.08
CA CYS A 172 -0.92 21.01 -11.43
C CYS A 172 -0.29 22.35 -11.17
N PRO A 173 -0.99 23.43 -11.51
CA PRO A 173 -0.47 24.72 -11.06
C PRO A 173 -0.83 24.88 -9.57
N VAL A 174 0.11 25.33 -8.74
CA VAL A 174 -0.21 25.49 -7.30
C VAL A 174 0.08 26.90 -6.82
N GLY A 175 -0.68 27.35 -5.83
CA GLY A 175 -0.54 28.69 -5.27
C GLY A 175 0.68 28.83 -4.39
N VAL A 183 4.02 33.14 6.65
CA VAL A 183 4.01 31.67 6.75
C VAL A 183 3.29 31.25 8.05
N THR A 184 2.15 30.55 7.91
CA THR A 184 1.29 30.22 9.06
C THR A 184 1.69 28.89 9.72
N PRO A 185 1.90 28.90 11.04
CA PRO A 185 2.33 27.68 11.71
C PRO A 185 1.23 26.65 11.97
N VAL A 186 1.62 25.40 12.17
CA VAL A 186 0.66 24.31 12.42
C VAL A 186 0.80 23.61 13.77
N SER A 187 -0.28 22.99 14.22
CA SER A 187 -0.29 22.16 15.44
C SER A 187 -0.25 20.70 14.97
N LEU A 188 0.31 19.85 15.82
CA LEU A 188 0.50 18.45 15.52
C LEU A 188 0.01 17.58 16.65
N LEU A 189 -0.60 16.46 16.31
CA LEU A 189 -0.96 15.41 17.25
C LEU A 189 0.21 14.43 17.32
N ALA A 190 0.78 14.25 18.49
CA ALA A 190 1.85 13.29 18.69
C ALA A 190 1.32 12.18 19.60
N ASP A 191 0.87 11.09 18.99
CA ASP A 191 0.38 9.95 19.75
C ASP A 191 1.08 8.64 19.35
N PRO A 192 1.81 8.00 20.30
CA PRO A 192 2.58 6.77 20.05
C PRO A 192 1.80 5.59 19.49
N ALA A 193 0.48 5.64 19.57
CA ALA A 193 -0.37 4.60 18.99
C ALA A 193 -0.27 4.49 17.47
N PHE A 194 0.10 5.59 16.81
CA PHE A 194 0.11 5.64 15.37
C PHE A 194 1.52 5.39 14.83
N ILE A 195 1.64 4.41 13.94
CA ILE A 195 2.93 4.05 13.33
C ILE A 195 2.91 4.20 11.79
N ARG A 196 3.73 5.12 11.29
CA ARG A 196 3.77 5.39 9.85
C ARG A 196 4.55 4.32 9.13
N ALA A 197 5.61 3.85 9.79
CA ALA A 197 6.58 2.97 9.17
C ALA A 197 7.48 2.29 10.21
N TRP A 198 8.15 1.22 9.80
CA TRP A 198 9.00 0.46 10.72
C TRP A 198 10.30 0.04 10.07
N VAL A 199 11.34 -0.11 10.90
CA VAL A 199 12.63 -0.58 10.41
C VAL A 199 12.38 -1.96 9.80
N GLY A 200 12.80 -2.14 8.55
CA GLY A 200 12.53 -3.37 7.80
C GLY A 200 11.30 -3.26 6.91
N GLY A 201 10.66 -2.09 6.92
CA GLY A 201 9.48 -1.82 6.09
C GLY A 201 9.80 -1.01 4.84
N VAL A 202 8.83 -0.24 4.36
CA VAL A 202 9.02 0.51 3.11
C VAL A 202 8.71 1.99 3.22
N GLY A 203 8.80 2.51 4.45
CA GLY A 203 8.48 3.91 4.72
C GLY A 203 9.46 4.86 4.09
N ASN A 204 10.65 4.35 3.80
CA ASN A 204 11.69 5.13 3.17
C ASN A 204 11.61 5.12 1.63
N TYR A 205 10.49 4.65 1.07
CA TYR A 205 10.23 4.72 -0.37
C TYR A 205 8.92 5.46 -0.55
N LYS A 206 8.78 6.16 -1.68
CA LYS A 206 7.58 6.97 -1.91
C LYS A 206 6.58 6.08 -2.69
N LEU A 207 5.95 5.18 -1.94
CA LEU A 207 5.04 4.18 -2.48
C LEU A 207 3.65 4.46 -1.96
N GLY A 208 2.66 4.33 -2.83
CA GLY A 208 1.25 4.59 -2.49
C GLY A 208 0.78 3.97 -1.18
N GLY A 209 1.17 2.70 -0.94
CA GLY A 209 0.85 1.99 0.28
C GLY A 209 1.13 2.66 1.61
N ASN A 210 2.16 3.50 1.67
CA ASN A 210 2.46 4.28 2.91
C ASN A 210 1.47 5.39 3.24
N TYR A 211 0.62 5.79 2.31
CA TYR A 211 -0.24 6.95 2.50
C TYR A 211 -1.68 6.62 2.92
N GLY A 212 -2.27 5.61 2.29
CA GLY A 212 -3.65 5.20 2.60
C GLY A 212 -3.96 5.07 4.07
N PRO A 213 -3.15 4.30 4.79
CA PRO A 213 -3.35 4.10 6.22
C PRO A 213 -3.25 5.38 7.08
N THR A 214 -2.67 6.46 6.57
CA THR A 214 -2.55 7.69 7.37
C THR A 214 -3.82 8.54 7.33
N VAL A 215 -4.67 8.30 6.34
CA VAL A 215 -5.89 9.11 6.21
C VAL A 215 -6.72 9.09 7.49
N LEU A 216 -6.93 7.92 8.07
CA LEU A 216 -7.73 7.82 9.31
C LEU A 216 -7.03 8.50 10.48
N VAL A 217 -5.69 8.40 10.52
CA VAL A 217 -4.94 9.04 11.58
C VAL A 217 -5.05 10.54 11.46
N GLN A 218 -5.01 11.06 10.24
CA GLN A 218 -5.17 12.49 10.02
C GLN A 218 -6.56 12.97 10.45
N GLN A 219 -7.62 12.17 10.23
CA GLN A 219 -8.96 12.52 10.74
CA GLN A 219 -8.95 12.55 10.71
C GLN A 219 -8.95 12.58 12.25
N GLU A 220 -8.18 11.70 12.87
CA GLU A 220 -8.10 11.68 14.32
C GLU A 220 -7.45 12.97 14.86
N ALA A 221 -6.36 13.39 14.22
CA ALA A 221 -5.70 14.67 14.54
C ALA A 221 -6.67 15.84 14.46
N LEU A 222 -7.49 15.88 13.41
CA LEU A 222 -8.49 16.94 13.29
C LEU A 222 -9.48 16.86 14.45
N LYS A 223 -10.07 15.70 14.68
CA LYS A 223 -10.99 15.54 15.83
C LYS A 223 -10.37 15.98 17.15
N ARG A 224 -9.06 15.79 17.34
CA ARG A 224 -8.41 16.25 18.57
C ARG A 224 -7.89 17.68 18.49
N GLY A 225 -8.33 18.44 17.49
CA GLY A 225 -8.00 19.85 17.36
C GLY A 225 -6.62 20.19 16.81
N CYS A 226 -5.96 19.20 16.19
CA CYS A 226 -4.65 19.40 15.55
C CYS A 226 -4.75 19.40 14.02
N GLU A 227 -3.73 19.93 13.34
CA GLU A 227 -3.75 20.03 11.87
C GLU A 227 -2.98 18.97 11.10
N GLN A 228 -1.92 18.42 11.70
CA GLN A 228 -1.13 17.39 11.05
C GLN A 228 -0.72 16.36 12.08
N VAL A 229 -0.18 15.25 11.60
CA VAL A 229 0.26 14.15 12.47
C VAL A 229 1.77 14.15 12.67
N LEU A 230 2.21 14.18 13.92
CA LEU A 230 3.65 13.98 14.23
C LEU A 230 3.84 12.48 14.48
N TRP A 231 4.49 11.81 13.54
CA TRP A 231 4.64 10.35 13.58
C TRP A 231 5.79 9.94 14.48
N LEU A 232 5.45 9.23 15.55
CA LEU A 232 6.39 8.73 16.56
C LEU A 232 6.72 7.29 16.31
N TYR A 233 7.92 6.92 16.70
CA TYR A 233 8.38 5.55 16.49
C TYR A 233 9.21 5.10 17.68
N GLY A 234 9.03 3.84 18.07
CA GLY A 234 9.89 3.21 19.06
C GLY A 234 9.56 3.49 20.51
N PRO A 235 10.19 2.71 21.42
CA PRO A 235 9.95 2.83 22.85
C PRO A 235 10.30 4.23 23.37
N ASP A 236 11.29 4.85 22.76
CA ASP A 236 11.72 6.19 23.12
C ASP A 236 10.99 7.31 22.35
N HIS A 237 9.82 7.00 21.77
CA HIS A 237 9.00 7.99 21.07
C HIS A 237 9.81 8.98 20.24
N GLN A 238 10.48 8.45 19.22
CA GLN A 238 11.26 9.26 18.33
C GLN A 238 10.35 10.07 17.42
N LEU A 239 10.70 11.32 17.17
CA LEU A 239 9.99 12.13 16.16
C LEU A 239 10.52 11.75 14.79
N THR A 240 9.68 11.14 13.95
CA THR A 240 10.18 10.72 12.64
C THR A 240 9.92 11.72 11.53
N GLU A 241 8.65 11.99 11.30
CA GLU A 241 8.14 12.86 10.24
C GLU A 241 6.86 13.52 10.70
N VAL A 242 6.47 14.57 9.97
CA VAL A 242 5.29 15.36 10.31
C VAL A 242 4.41 15.39 9.08
N GLY A 243 3.23 14.79 9.16
CA GLY A 243 2.36 14.64 7.99
C GLY A 243 3.11 13.88 6.92
N THR A 244 3.24 14.46 5.73
CA THR A 244 4.06 13.91 4.64
C THR A 244 5.31 14.83 4.43
N MET A 245 5.87 15.36 5.52
CA MET A 245 7.05 16.23 5.51
C MET A 245 8.08 15.72 6.50
N ASN A 246 9.35 16.02 6.22
CA ASN A 246 10.45 15.71 7.13
C ASN A 246 10.44 16.73 8.26
N ILE A 247 10.99 16.36 9.40
CA ILE A 247 10.95 17.23 10.58
C ILE A 247 12.35 17.66 10.95
N PHE A 248 12.47 18.95 11.27
CA PHE A 248 13.71 19.57 11.71
C PHE A 248 13.53 20.29 13.03
N VAL A 249 14.58 20.30 13.85
CA VAL A 249 14.58 21.03 15.13
C VAL A 249 15.85 21.88 15.21
N TYR A 250 15.65 23.17 15.46
CA TYR A 250 16.73 24.10 15.63
C TYR A 250 16.66 24.42 17.12
N TRP A 251 17.76 24.08 17.81
CA TRP A 251 17.83 24.24 19.24
C TRP A 251 19.27 24.33 19.75
N THR A 252 19.40 24.57 21.04
CA THR A 252 20.68 24.42 21.73
C THR A 252 20.62 23.03 22.31
N HIS A 253 21.50 22.16 21.86
CA HIS A 253 21.48 20.78 22.34
C HIS A 253 21.98 20.69 23.79
N GLU A 254 21.75 19.53 24.43
CA GLU A 254 22.13 19.24 25.83
C GLU A 254 23.60 19.49 26.19
N ASP A 255 24.47 19.38 25.19
CA ASP A 255 25.89 19.66 25.31
C ASP A 255 26.18 21.16 25.14
N GLY A 256 25.14 22.00 25.16
CA GLY A 256 25.30 23.46 25.01
C GLY A 256 25.61 23.97 23.61
N VAL A 257 25.60 23.09 22.60
CA VAL A 257 25.92 23.52 21.24
C VAL A 257 24.62 23.80 20.44
N LEU A 258 24.64 24.88 19.66
CA LEU A 258 23.49 25.26 18.83
C LEU A 258 23.49 24.37 17.62
N GLU A 259 22.40 23.63 17.40
CA GLU A 259 22.35 22.77 16.20
C GLU A 259 21.01 22.71 15.53
N LEU A 260 21.07 22.29 14.27
CA LEU A 260 19.92 21.93 13.47
C LEU A 260 20.03 20.41 13.38
N VAL A 261 19.02 19.72 13.87
CA VAL A 261 18.96 18.28 13.78
C VAL A 261 17.72 17.80 13.00
N THR A 262 17.90 16.74 12.20
CA THR A 262 16.76 16.02 11.62
C THR A 262 17.04 14.52 11.73
N PRO A 263 15.98 13.69 11.84
CA PRO A 263 16.19 12.22 11.92
C PRO A 263 17.02 11.63 10.77
N PRO A 264 17.90 10.65 11.08
CA PRO A 264 18.75 10.04 10.08
C PRO A 264 17.99 9.05 9.21
N LEU A 265 18.56 8.71 8.05
CA LEU A 265 17.95 7.81 7.09
C LEU A 265 18.22 6.36 7.47
N ASN A 266 17.55 5.90 8.52
CA ASN A 266 17.76 4.55 9.02
C ASN A 266 16.62 3.61 8.68
N GLY A 267 15.75 4.00 7.74
CA GLY A 267 14.72 3.10 7.24
C GLY A 267 13.30 3.59 7.41
N VAL A 268 13.06 4.45 8.40
CA VAL A 268 11.69 4.95 8.64
C VAL A 268 11.49 6.39 8.17
N ILE A 269 12.53 6.95 7.55
CA ILE A 269 12.47 8.32 7.06
C ILE A 269 12.48 8.32 5.53
N LEU A 270 11.53 9.07 4.96
CA LEU A 270 11.52 9.31 3.52
C LEU A 270 12.60 10.37 3.27
N PRO A 271 13.59 10.05 2.43
CA PRO A 271 14.67 11.00 2.20
C PRO A 271 14.24 12.13 1.29
N GLY A 272 13.68 13.18 1.88
CA GLY A 272 13.18 14.31 1.10
C GLY A 272 14.26 15.06 0.34
N VAL A 273 13.85 15.71 -0.73
CA VAL A 273 14.74 16.57 -1.51
C VAL A 273 14.89 17.90 -0.76
N VAL A 274 13.81 18.43 -0.21
CA VAL A 274 13.91 19.67 0.52
C VAL A 274 14.82 19.37 1.72
N ARG A 275 14.55 18.27 2.41
CA ARG A 275 15.37 17.87 3.56
C ARG A 275 16.88 17.91 3.24
N GLN A 276 17.26 17.20 2.18
CA GLN A 276 18.66 17.15 1.84
C GLN A 276 19.17 18.56 1.54
N SER A 277 18.33 19.35 0.87
CA SER A 277 18.70 20.70 0.48
C SER A 277 18.95 21.59 1.70
N LEU A 278 18.17 21.42 2.75
CA LEU A 278 18.32 22.23 3.92
C LEU A 278 19.62 21.85 4.65
N LEU A 279 19.91 20.55 4.73
CA LEU A 279 21.14 20.06 5.31
C LEU A 279 22.32 20.65 4.54
N ASP A 280 22.29 20.50 3.22
CA ASP A 280 23.31 21.04 2.36
C ASP A 280 23.51 22.55 2.59
N MET A 281 22.42 23.31 2.67
CA MET A 281 22.51 24.77 2.85
C MET A 281 23.15 25.15 4.18
N ALA A 282 22.64 24.56 5.24
CA ALA A 282 23.11 24.84 6.57
C ALA A 282 24.58 24.38 6.76
N GLN A 283 24.95 23.28 6.11
CA GLN A 283 26.30 22.74 6.21
C GLN A 283 27.25 23.71 5.54
N THR A 284 26.86 24.19 4.36
CA THR A 284 27.65 25.18 3.64
C THR A 284 27.91 26.43 4.50
N TRP A 285 26.85 27.09 4.99
CA TRP A 285 26.99 28.26 5.87
C TRP A 285 28.07 28.09 6.93
N GLY A 286 28.12 26.93 7.57
CA GLY A 286 29.11 26.63 8.59
C GLY A 286 29.02 27.48 9.84
N GLU A 287 27.81 27.88 10.19
CA GLU A 287 27.63 28.77 11.34
C GLU A 287 27.15 28.06 12.59
N PHE A 288 26.64 26.84 12.44
CA PHE A 288 26.20 26.07 13.60
C PHE A 288 26.31 24.58 13.29
N ARG A 289 26.10 23.74 14.27
CA ARG A 289 26.21 22.33 14.05
C ARG A 289 24.96 21.80 13.32
N VAL A 290 25.20 20.94 12.33
CA VAL A 290 24.14 20.37 11.50
C VAL A 290 24.31 18.84 11.53
N VAL A 291 23.37 18.16 12.15
CA VAL A 291 23.44 16.71 12.29
C VAL A 291 22.14 15.93 11.91
N GLU A 292 22.34 14.67 11.59
CA GLU A 292 21.29 13.70 11.43
C GLU A 292 21.38 12.79 12.66
N ARG A 293 20.37 12.89 13.53
CA ARG A 293 20.32 12.09 14.72
C ARG A 293 18.89 11.95 15.11
N THR A 294 18.55 10.86 15.78
CA THR A 294 17.20 10.66 16.26
C THR A 294 16.89 11.77 17.25
N ILE A 295 15.60 12.06 17.40
CA ILE A 295 15.10 13.06 18.31
C ILE A 295 13.97 12.40 19.07
N THR A 296 13.99 12.50 20.40
CA THR A 296 12.97 11.82 21.22
C THR A 296 12.06 12.85 21.84
N MET A 297 10.85 12.45 22.24
CA MET A 297 9.95 13.40 22.91
C MET A 297 10.58 13.90 24.23
N LYS A 298 11.21 12.97 24.97
CA LYS A 298 11.93 13.28 26.22
C LYS A 298 12.91 14.41 26.00
N GLN A 299 13.74 14.32 24.97
CA GLN A 299 14.66 15.42 24.68
C GLN A 299 13.91 16.75 24.40
N LEU A 300 12.75 16.69 23.72
CA LEU A 300 12.05 17.92 23.31
C LEU A 300 11.41 18.59 24.53
N LEU A 301 10.74 17.80 25.37
CA LEU A 301 10.15 18.30 26.62
C LEU A 301 11.19 19.01 27.48
N ARG A 302 12.36 18.40 27.60
CA ARG A 302 13.44 18.95 28.40
C ARG A 302 13.96 20.23 27.76
N ALA A 303 14.24 20.17 26.45
CA ALA A 303 14.71 21.35 25.76
C ALA A 303 13.69 22.51 25.87
N LEU A 304 12.41 22.17 25.77
CA LEU A 304 11.35 23.17 25.88
C LEU A 304 11.32 23.80 27.30
N GLU A 305 11.37 22.95 28.33
CA GLU A 305 11.33 23.45 29.72
C GLU A 305 12.52 24.33 30.01
N GLU A 306 13.64 24.07 29.35
CA GLU A 306 14.88 24.83 29.54
C GLU A 306 15.09 25.97 28.52
N GLY A 307 14.05 26.30 27.75
CA GLY A 307 14.11 27.38 26.77
C GLY A 307 15.20 27.21 25.72
N ARG A 308 15.51 25.97 25.35
CA ARG A 308 16.59 25.72 24.37
C ARG A 308 16.07 25.50 22.92
N VAL A 309 14.77 25.25 22.77
CA VAL A 309 14.19 25.11 21.43
C VAL A 309 13.95 26.48 20.81
N ARG A 310 14.54 26.71 19.64
CA ARG A 310 14.25 27.92 18.89
C ARG A 310 13.11 27.69 17.91
N GLU A 311 13.24 26.69 17.04
CA GLU A 311 12.32 26.49 15.94
C GLU A 311 12.15 24.99 15.65
N VAL A 312 10.91 24.60 15.33
CA VAL A 312 10.58 23.27 14.85
C VAL A 312 9.79 23.45 13.54
N PHE A 313 10.12 22.67 12.51
CA PHE A 313 9.47 22.83 11.21
C PHE A 313 9.52 21.59 10.33
N GLY A 314 8.57 21.48 9.40
CA GLY A 314 8.53 20.40 8.46
C GLY A 314 9.11 20.88 7.16
N SER A 315 9.62 19.95 6.35
CA SER A 315 10.15 20.29 5.03
C SER A 315 9.56 19.35 4.01
N GLY A 316 9.25 19.86 2.82
CA GLY A 316 8.70 19.03 1.76
C GLY A 316 8.33 19.87 0.55
N THR A 317 8.15 19.24 -0.58
CA THR A 317 7.90 20.01 -1.81
C THR A 317 6.65 20.85 -1.80
N ALA A 318 5.53 20.27 -1.37
CA ALA A 318 4.24 20.97 -1.47
C ALA A 318 4.10 22.15 -0.52
N CYS A 319 4.64 22.01 0.69
CA CYS A 319 4.54 23.11 1.64
C CYS A 319 5.88 23.77 1.94
N GLN A 320 6.96 23.29 1.32
CA GLN A 320 8.31 23.85 1.45
C GLN A 320 8.92 23.77 2.85
N VAL A 321 8.75 24.80 3.66
CA VAL A 321 9.31 24.84 5.03
C VAL A 321 8.26 25.43 5.94
N CYS A 322 7.61 24.57 6.72
CA CYS A 322 6.44 24.96 7.48
C CYS A 322 6.65 24.93 9.00
N PRO A 323 6.50 26.07 9.66
CA PRO A 323 6.75 26.16 11.10
C PRO A 323 5.70 25.44 11.94
N VAL A 324 6.10 24.97 13.12
CA VAL A 324 5.21 24.30 14.04
C VAL A 324 5.15 25.12 15.30
N HIS A 325 3.94 25.34 15.84
CA HIS A 325 3.75 26.10 17.05
C HIS A 325 3.15 25.32 18.21
N ARG A 326 2.64 24.11 17.96
CA ARG A 326 2.01 23.34 19.00
C ARG A 326 2.05 21.83 18.72
N ILE A 327 2.27 21.07 19.78
CA ILE A 327 2.28 19.63 19.72
C ILE A 327 1.46 19.07 20.86
N LEU A 328 0.37 18.38 20.53
CA LEU A 328 -0.42 17.69 21.56
C LEU A 328 0.16 16.29 21.76
N TYR A 329 0.91 16.12 22.84
CA TYR A 329 1.53 14.84 23.17
C TYR A 329 0.65 14.18 24.21
N LYS A 330 -0.22 13.26 23.75
CA LYS A 330 -1.21 12.60 24.60
C LYS A 330 -2.23 13.63 25.15
N ASP A 331 -2.10 14.05 26.41
CA ASP A 331 -2.97 15.12 26.92
C ASP A 331 -2.19 16.41 27.23
N ARG A 332 -0.87 16.35 27.12
CA ARG A 332 -0.03 17.50 27.37
C ARG A 332 0.06 18.38 26.09
N ASN A 333 -0.44 19.60 26.19
CA ASN A 333 -0.45 20.54 25.06
C ASN A 333 0.81 21.44 25.10
N LEU A 334 1.77 21.20 24.22
CA LEU A 334 3.05 21.89 24.29
C LEU A 334 3.15 23.03 23.30
N HIS A 335 3.57 24.20 23.81
CA HIS A 335 3.81 25.33 22.97
C HIS A 335 5.23 25.23 22.44
N ILE A 336 5.36 25.44 21.13
CA ILE A 336 6.64 25.44 20.47
C ILE A 336 6.89 26.89 20.03
N PRO A 337 7.99 27.51 20.50
CA PRO A 337 8.16 28.96 20.31
C PRO A 337 8.81 29.38 19.00
N THR A 338 8.51 28.64 17.93
CA THR A 338 9.08 28.87 16.63
C THR A 338 8.89 30.32 16.15
N MET A 339 7.68 30.83 16.27
CA MET A 339 7.37 32.16 15.76
C MET A 339 7.91 33.26 16.64
N GLU A 340 8.11 32.97 17.92
CA GLU A 340 8.72 33.95 18.83
C GLU A 340 10.25 34.04 18.61
N ASN A 341 10.79 33.15 17.80
CA ASN A 341 12.21 33.15 17.49
C ASN A 341 12.46 33.59 16.04
N GLY A 342 11.52 34.37 15.50
CA GLY A 342 11.62 34.96 14.16
C GLY A 342 10.47 34.61 13.21
N PRO A 343 10.43 33.36 12.70
CA PRO A 343 11.36 32.25 12.88
C PRO A 343 12.55 32.48 11.97
N GLU A 344 13.67 32.83 12.58
CA GLU A 344 14.86 33.28 11.85
C GLU A 344 15.44 32.25 10.86
N LEU A 345 15.63 31.02 11.27
CA LEU A 345 16.18 30.03 10.36
C LEU A 345 15.24 29.71 9.22
N ILE A 346 13.97 29.47 9.55
CA ILE A 346 12.95 29.25 8.52
C ILE A 346 12.99 30.36 7.46
N LEU A 347 12.97 31.62 7.89
CA LEU A 347 12.97 32.75 6.92
C LEU A 347 14.22 32.72 6.07
N ARG A 348 15.37 32.47 6.70
CA ARG A 348 16.59 32.37 5.97
C ARG A 348 16.52 31.28 4.90
N PHE A 349 16.07 30.09 5.27
CA PHE A 349 15.96 29.00 4.29
C PHE A 349 15.02 29.39 3.15
N GLN A 350 13.86 29.92 3.50
CA GLN A 350 12.87 30.31 2.49
C GLN A 350 13.42 31.35 1.51
N LYS A 351 14.17 32.32 2.03
CA LYS A 351 14.72 33.41 1.21
C LYS A 351 15.77 32.86 0.28
N GLU A 352 16.68 32.04 0.81
CA GLU A 352 17.71 31.44 -0.01
C GLU A 352 17.13 30.48 -1.06
N LEU A 353 16.13 29.67 -0.67
CA LEU A 353 15.49 28.78 -1.64
C LEU A 353 14.77 29.55 -2.73
N LYS A 354 14.05 30.59 -2.34
CA LYS A 354 13.30 31.42 -3.28
C LYS A 354 14.26 32.02 -4.34
N GLU A 355 15.39 32.55 -3.90
CA GLU A 355 16.42 33.11 -4.81
C GLU A 355 16.87 32.13 -5.87
N ILE A 356 17.11 30.89 -5.43
CA ILE A 356 17.55 29.82 -6.29
C ILE A 356 16.41 29.39 -7.23
N GLN A 357 15.24 29.14 -6.66
CA GLN A 357 14.10 28.64 -7.40
C GLN A 357 13.63 29.51 -8.54
N TYR A 358 13.49 30.81 -8.27
CA TYR A 358 13.00 31.77 -9.25
C TYR A 358 14.09 32.47 -10.10
N GLY A 359 15.28 31.89 -10.16
CA GLY A 359 16.35 32.38 -11.00
C GLY A 359 16.92 33.75 -10.64
N ILE A 360 16.72 34.19 -9.40
CA ILE A 360 17.28 35.46 -8.93
C ILE A 360 18.79 35.26 -8.82
N ARG A 361 19.16 34.06 -8.39
CA ARG A 361 20.53 33.70 -8.21
C ARG A 361 20.69 32.34 -8.93
N ALA A 362 21.45 32.35 -10.02
CA ALA A 362 21.66 31.15 -10.85
C ALA A 362 22.42 30.12 -10.05
N HIS A 363 22.07 28.85 -10.23
CA HIS A 363 22.58 27.83 -9.33
C HIS A 363 22.46 26.45 -9.97
N GLU A 364 23.44 25.59 -9.70
CA GLU A 364 23.47 24.21 -10.23
C GLU A 364 22.24 23.35 -9.86
N TRP A 365 21.55 23.73 -8.79
CA TRP A 365 20.35 23.04 -8.33
C TRP A 365 19.21 23.15 -9.32
N MET A 366 19.20 24.21 -10.13
CA MET A 366 18.11 24.40 -11.08
C MET A 366 18.41 23.78 -12.45
N PHE A 367 17.39 23.15 -13.03
CA PHE A 367 17.45 22.51 -14.34
C PHE A 367 16.51 23.31 -15.25
N PRO A 368 17.05 23.99 -16.28
CA PRO A 368 16.16 24.82 -17.10
C PRO A 368 15.25 24.00 -18.01
N VAL A 369 14.00 24.44 -18.16
CA VAL A 369 13.07 23.81 -19.09
C VAL A 369 13.19 24.50 -20.46
N SER B 7 -25.95 4.68 4.22
CA SER B 7 -26.97 4.69 3.12
C SER B 7 -26.64 3.66 2.03
N SER B 8 -26.56 2.38 2.40
CA SER B 8 -26.09 1.34 1.49
C SER B 8 -26.83 1.25 0.18
N PHE B 9 -26.15 0.71 -0.82
CA PHE B 9 -26.78 0.30 -2.06
C PHE B 9 -27.68 -0.91 -1.74
N LYS B 10 -28.66 -1.14 -2.60
CA LYS B 10 -29.66 -2.21 -2.40
C LYS B 10 -29.63 -3.23 -3.51
N ALA B 11 -29.64 -4.51 -3.15
CA ALA B 11 -29.73 -5.58 -4.15
C ALA B 11 -31.07 -5.55 -4.91
N ALA B 12 -32.11 -4.99 -4.28
CA ALA B 12 -33.42 -4.79 -4.97
C ALA B 12 -33.27 -3.90 -6.20
N ASP B 13 -32.38 -2.89 -6.11
CA ASP B 13 -32.17 -1.93 -7.17
C ASP B 13 -31.14 -2.38 -8.21
N LEU B 14 -30.77 -3.66 -8.21
CA LEU B 14 -29.81 -4.16 -9.21
C LEU B 14 -30.25 -3.95 -10.65
N GLN B 15 -29.31 -3.47 -11.47
CA GLN B 15 -29.48 -3.31 -12.89
C GLN B 15 -28.65 -4.39 -13.52
N LEU B 16 -29.21 -5.11 -14.48
CA LEU B 16 -28.49 -6.20 -15.13
C LEU B 16 -28.27 -5.85 -16.59
N GLU B 17 -27.12 -6.24 -17.13
CA GLU B 17 -26.81 -6.02 -18.53
C GLU B 17 -25.97 -7.19 -19.00
N MET B 18 -26.61 -8.07 -19.75
CA MET B 18 -25.99 -9.29 -20.22
C MET B 18 -25.14 -9.02 -21.43
N THR B 19 -24.00 -9.69 -21.49
CA THR B 19 -23.06 -9.55 -22.59
C THR B 19 -23.72 -9.80 -23.94
N GLN B 20 -23.27 -9.06 -24.96
CA GLN B 20 -23.80 -9.22 -26.31
C GLN B 20 -23.26 -10.52 -26.86
N LYS B 21 -21.95 -10.71 -26.75
CA LYS B 21 -21.32 -11.94 -27.17
C LYS B 21 -20.63 -12.59 -25.96
N PRO B 22 -21.21 -13.71 -25.45
CA PRO B 22 -20.59 -14.50 -24.38
C PRO B 22 -19.18 -14.99 -24.74
N HIS B 23 -18.43 -15.37 -23.73
CA HIS B 23 -17.04 -15.79 -23.90
C HIS B 23 -16.97 -17.29 -23.73
N LYS B 24 -16.11 -17.93 -24.52
CA LYS B 24 -16.00 -19.38 -24.46
C LYS B 24 -15.30 -19.78 -23.17
N LYS B 25 -15.94 -20.67 -22.40
CA LYS B 25 -15.35 -21.21 -21.18
C LYS B 25 -14.03 -21.93 -21.45
N PRO B 26 -13.22 -22.17 -20.40
CA PRO B 26 -11.99 -22.98 -20.51
C PRO B 26 -12.27 -24.45 -20.85
N GLY B 27 -11.21 -25.19 -21.21
CA GLY B 27 -11.33 -26.60 -21.56
C GLY B 27 -11.10 -27.52 -20.37
N PRO B 31 -5.80 -27.02 -17.41
CA PRO B 31 -4.69 -26.05 -17.38
C PRO B 31 -5.07 -24.65 -16.85
N LEU B 32 -6.06 -24.56 -15.95
CA LEU B 32 -6.49 -23.27 -15.37
C LEU B 32 -5.44 -22.68 -14.43
N VAL B 33 -4.80 -21.58 -14.83
CA VAL B 33 -3.86 -20.88 -13.95
C VAL B 33 -4.64 -19.92 -13.04
N PHE B 34 -4.28 -19.90 -11.76
CA PHE B 34 -4.96 -19.07 -10.76
C PHE B 34 -5.00 -17.58 -11.09
N GLY B 35 -6.21 -17.03 -11.09
CA GLY B 35 -6.41 -15.61 -11.26
C GLY B 35 -6.10 -14.96 -12.61
N LYS B 36 -6.07 -15.73 -13.70
CA LYS B 36 -5.82 -15.17 -15.04
C LYS B 36 -7.08 -15.14 -15.89
N THR B 37 -7.89 -16.20 -15.80
CA THR B 37 -9.12 -16.32 -16.62
C THR B 37 -10.26 -15.71 -15.87
N PHE B 38 -11.09 -14.92 -16.55
CA PHE B 38 -12.21 -14.24 -15.90
C PHE B 38 -13.52 -14.58 -16.59
N THR B 39 -14.63 -14.32 -15.90
CA THR B 39 -15.94 -14.71 -16.39
C THR B 39 -16.58 -13.56 -17.16
N ASP B 40 -17.81 -13.78 -17.62
CA ASP B 40 -18.50 -12.87 -18.52
C ASP B 40 -18.92 -11.57 -17.89
N HIS B 41 -19.27 -11.61 -16.61
CA HIS B 41 -19.80 -10.43 -15.93
C HIS B 41 -19.02 -10.00 -14.67
N MET B 42 -19.40 -8.84 -14.16
CA MET B 42 -18.82 -8.27 -12.96
C MET B 42 -19.89 -7.44 -12.28
N LEU B 43 -19.67 -7.14 -11.01
CA LEU B 43 -20.53 -6.24 -10.29
C LEU B 43 -19.76 -4.93 -10.21
N MET B 44 -20.48 -3.82 -10.25
CA MET B 44 -19.90 -2.49 -10.13
C MET B 44 -20.89 -1.64 -9.36
N VAL B 45 -20.39 -0.89 -8.38
CA VAL B 45 -21.20 0.07 -7.66
C VAL B 45 -20.36 1.35 -7.49
N GLU B 46 -20.97 2.50 -7.75
CA GLU B 46 -20.30 3.78 -7.63
C GLU B 46 -20.78 4.48 -6.37
N TRP B 47 -19.87 5.20 -5.71
CA TRP B 47 -20.19 6.02 -4.52
C TRP B 47 -19.66 7.44 -4.73
N ASN B 48 -20.40 8.43 -4.27
CA ASN B 48 -19.96 9.81 -4.30
C ASN B 48 -20.70 10.60 -3.26
N ASP B 49 -20.66 11.93 -3.36
CA ASP B 49 -21.31 12.80 -2.36
C ASP B 49 -22.83 12.67 -2.37
N LYS B 50 -23.39 12.07 -3.43
CA LYS B 50 -24.82 11.68 -3.46
C LYS B 50 -25.01 10.22 -3.02
N GLY B 51 -24.03 9.69 -2.29
CA GLY B 51 -24.05 8.31 -1.78
C GLY B 51 -23.78 7.24 -2.81
N TRP B 52 -24.22 6.03 -2.47
CA TRP B 52 -24.11 4.89 -3.36
C TRP B 52 -25.14 4.96 -4.45
N GLY B 53 -24.71 4.71 -5.68
CA GLY B 53 -25.62 4.58 -6.80
C GLY B 53 -26.19 3.18 -6.82
N GLN B 54 -26.74 2.79 -7.95
CA GLN B 54 -27.37 1.49 -8.06
C GLN B 54 -26.35 0.42 -8.42
N PRO B 55 -26.40 -0.72 -7.72
CA PRO B 55 -25.47 -1.77 -8.13
C PRO B 55 -25.83 -2.22 -9.51
N ARG B 56 -24.85 -2.68 -10.25
CA ARG B 56 -25.14 -3.19 -11.54
C ARG B 56 -24.25 -4.37 -11.88
N ILE B 57 -24.83 -5.32 -12.63
CA ILE B 57 -24.09 -6.42 -13.22
C ILE B 57 -23.97 -6.04 -14.69
N GLN B 58 -22.76 -6.18 -15.22
CA GLN B 58 -22.48 -5.74 -16.58
C GLN B 58 -21.43 -6.63 -17.15
N PRO B 59 -21.22 -6.58 -18.47
CA PRO B 59 -20.18 -7.40 -19.04
C PRO B 59 -18.81 -7.05 -18.44
N PHE B 60 -17.90 -8.01 -18.45
CA PHE B 60 -16.60 -7.82 -17.88
C PHE B 60 -15.95 -6.74 -18.73
N GLN B 61 -15.50 -5.67 -18.08
CA GLN B 61 -14.96 -4.51 -18.81
C GLN B 61 -13.97 -3.69 -17.97
N ASN B 62 -13.14 -2.92 -18.67
CA ASN B 62 -12.11 -2.10 -18.04
C ASN B 62 -12.68 -1.02 -17.15
N LEU B 63 -11.85 -0.56 -16.22
CA LEU B 63 -12.19 0.60 -15.41
C LEU B 63 -11.67 1.85 -16.12
N THR B 64 -12.39 2.94 -15.95
CA THR B 64 -11.97 4.20 -16.51
C THR B 64 -11.71 5.08 -15.32
N LEU B 65 -10.46 5.48 -15.13
CA LEU B 65 -10.09 6.23 -13.92
C LEU B 65 -9.37 7.52 -14.25
N HIS B 66 -9.72 8.56 -13.51
CA HIS B 66 -9.01 9.83 -13.54
C HIS B 66 -7.56 9.54 -13.17
N PRO B 67 -6.60 10.17 -13.84
CA PRO B 67 -5.19 9.84 -13.61
C PRO B 67 -4.63 10.26 -12.25
N ALA B 68 -5.35 11.15 -11.58
CA ALA B 68 -5.08 11.54 -10.20
C ALA B 68 -5.74 10.63 -9.14
N SER B 69 -6.43 9.57 -9.57
CA SER B 69 -7.25 8.73 -8.65
C SER B 69 -6.49 8.31 -7.40
N SER B 70 -7.07 8.54 -6.23
CA SER B 70 -6.39 8.21 -4.99
C SER B 70 -6.07 6.70 -4.84
N SER B 71 -6.76 5.86 -5.61
CA SER B 71 -6.49 4.43 -5.65
C SER B 71 -5.12 4.09 -6.18
N LEU B 72 -4.58 4.94 -7.06
CA LEU B 72 -3.30 4.70 -7.72
C LEU B 72 -2.13 5.50 -7.12
N HIS B 73 -2.45 6.58 -6.42
CA HIS B 73 -1.43 7.44 -5.82
C HIS B 73 -1.17 7.11 -4.34
N TYR B 74 -2.25 6.92 -3.57
CA TYR B 74 -2.20 6.71 -2.12
C TYR B 74 -2.80 5.37 -1.66
N SER B 75 -2.85 4.39 -2.56
CA SER B 75 -3.28 3.04 -2.22
C SER B 75 -4.60 2.99 -1.41
N LEU B 76 -5.58 3.77 -1.82
CA LEU B 76 -6.92 3.67 -1.21
C LEU B 76 -7.59 2.50 -1.91
N GLN B 77 -7.27 1.30 -1.44
CA GLN B 77 -7.69 0.07 -2.08
C GLN B 77 -7.64 -1.06 -1.07
N LEU B 78 -8.65 -1.91 -1.13
CA LEU B 78 -8.73 -3.10 -0.31
C LEU B 78 -9.42 -4.17 -1.13
N PHE B 79 -9.23 -5.43 -0.73
CA PHE B 79 -9.84 -6.56 -1.44
C PHE B 79 -10.26 -7.72 -0.55
N GLU B 80 -10.91 -8.70 -1.17
CA GLU B 80 -11.33 -9.91 -0.54
C GLU B 80 -11.16 -11.06 -1.50
N GLY B 81 -11.24 -12.27 -0.96
CA GLY B 81 -10.98 -13.48 -1.70
C GLY B 81 -11.76 -14.57 -1.00
N MET B 82 -12.68 -15.18 -1.71
CA MET B 82 -13.46 -16.30 -1.19
C MET B 82 -13.84 -17.21 -2.35
N LYS B 83 -14.15 -18.47 -2.05
CA LYS B 83 -14.52 -19.42 -3.09
C LYS B 83 -15.97 -19.91 -3.08
N ALA B 84 -16.45 -20.21 -4.28
CA ALA B 84 -17.74 -20.82 -4.51
C ALA B 84 -17.39 -22.18 -5.10
N PHE B 85 -18.12 -23.21 -4.68
CA PHE B 85 -17.89 -24.59 -5.11
C PHE B 85 -19.19 -25.18 -5.63
N LYS B 86 -19.08 -25.98 -6.70
CA LYS B 86 -20.22 -26.61 -7.35
C LYS B 86 -20.25 -28.10 -7.03
N GLY B 87 -21.26 -28.54 -6.29
CA GLY B 87 -21.35 -29.96 -5.88
C GLY B 87 -21.93 -30.85 -6.97
N LYS B 88 -21.91 -32.17 -6.73
CA LYS B 88 -22.50 -33.16 -7.66
C LYS B 88 -23.87 -32.73 -8.17
N ASP B 89 -24.72 -32.28 -7.25
CA ASP B 89 -26.07 -31.79 -7.58
C ASP B 89 -26.07 -30.51 -8.44
N GLN B 90 -24.89 -30.09 -8.88
CA GLN B 90 -24.71 -28.88 -9.70
C GLN B 90 -25.14 -27.60 -8.96
N GLN B 91 -25.43 -27.70 -7.67
CA GLN B 91 -25.73 -26.55 -6.83
C GLN B 91 -24.40 -25.87 -6.48
N VAL B 92 -24.41 -24.54 -6.40
CA VAL B 92 -23.20 -23.77 -6.12
C VAL B 92 -23.29 -23.14 -4.74
N ARG B 93 -22.23 -23.28 -3.96
CA ARG B 93 -22.22 -22.77 -2.59
C ARG B 93 -20.97 -21.94 -2.30
N LEU B 94 -21.17 -20.87 -1.55
CA LEU B 94 -20.08 -20.02 -1.07
C LEU B 94 -19.66 -20.48 0.29
N PHE B 95 -18.36 -20.55 0.52
CA PHE B 95 -17.81 -20.91 1.81
C PHE B 95 -17.74 -19.72 2.77
N ARG B 96 -18.53 -19.78 3.83
CA ARG B 96 -18.56 -18.80 4.91
C ARG B 96 -18.42 -17.35 4.44
N PRO B 97 -19.20 -16.95 3.42
CA PRO B 97 -19.01 -15.59 2.88
C PRO B 97 -19.24 -14.46 3.88
N TRP B 98 -20.04 -14.69 4.90
CA TRP B 98 -20.35 -13.63 5.86
C TRP B 98 -19.03 -13.14 6.49
N LEU B 99 -18.08 -14.04 6.73
CA LEU B 99 -16.81 -13.62 7.34
C LEU B 99 -16.02 -12.69 6.40
N ASN B 100 -16.06 -12.96 5.11
CA ASN B 100 -15.39 -12.06 4.15
C ASN B 100 -16.04 -10.69 4.10
N MET B 101 -17.38 -10.65 4.19
CA MET B 101 -18.09 -9.37 4.20
C MET B 101 -17.74 -8.57 5.44
N ASP B 102 -17.67 -9.23 6.59
CA ASP B 102 -17.27 -8.60 7.85
C ASP B 102 -15.86 -8.00 7.72
N ARG B 103 -14.95 -8.80 7.21
CA ARG B 103 -13.57 -8.40 7.05
C ARG B 103 -13.44 -7.22 6.08
N MET B 104 -14.15 -7.27 4.96
CA MET B 104 -14.11 -6.19 3.98
C MET B 104 -14.58 -4.85 4.57
N LEU B 105 -15.62 -4.90 5.40
CA LEU B 105 -16.16 -3.69 6.00
C LEU B 105 -15.17 -3.10 6.97
N ARG B 106 -14.48 -3.94 7.73
CA ARG B 106 -13.42 -3.45 8.58
C ARG B 106 -12.32 -2.77 7.73
N SER B 107 -11.94 -3.37 6.59
CA SER B 107 -10.91 -2.79 5.77
C SER B 107 -11.36 -1.42 5.28
N ALA B 108 -12.63 -1.34 4.85
CA ALA B 108 -13.22 -0.10 4.37
C ALA B 108 -13.06 0.98 5.38
N MET B 109 -13.46 0.68 6.62
CA MET B 109 -13.41 1.65 7.69
C MET B 109 -11.97 2.12 7.96
N ARG B 110 -11.03 1.19 7.96
CA ARG B 110 -9.63 1.52 8.21
C ARG B 110 -9.08 2.55 7.22
N LEU B 111 -9.54 2.44 5.97
CA LEU B 111 -9.14 3.32 4.89
C LEU B 111 -10.09 4.49 4.63
N CYS B 112 -11.02 4.74 5.56
CA CYS B 112 -11.98 5.84 5.42
C CYS B 112 -12.76 5.80 4.10
N LEU B 113 -13.08 4.59 3.67
CA LEU B 113 -13.81 4.34 2.45
C LEU B 113 -15.26 4.10 2.88
N PRO B 114 -16.22 4.25 1.96
CA PRO B 114 -17.63 4.17 2.32
C PRO B 114 -18.13 2.82 2.87
N SER B 115 -18.86 2.93 3.98
CA SER B 115 -19.52 1.79 4.59
C SER B 115 -20.60 1.29 3.66
N PHE B 116 -20.94 0.02 3.80
CA PHE B 116 -21.99 -0.60 2.98
C PHE B 116 -22.68 -1.69 3.77
N ASP B 117 -23.77 -2.22 3.22
CA ASP B 117 -24.51 -3.28 3.90
C ASP B 117 -24.01 -4.63 3.43
N LYS B 118 -23.47 -5.37 4.40
CA LYS B 118 -22.85 -6.67 4.15
C LYS B 118 -23.78 -7.68 3.52
N LEU B 119 -25.03 -7.72 3.97
CA LEU B 119 -26.02 -8.63 3.36
C LEU B 119 -26.46 -8.15 1.96
N GLU B 120 -26.49 -6.84 1.73
CA GLU B 120 -26.77 -6.34 0.37
C GLU B 120 -25.63 -6.69 -0.57
N LEU B 121 -24.40 -6.46 -0.13
CA LEU B 121 -23.28 -6.85 -0.97
C LEU B 121 -23.35 -8.35 -1.27
N LEU B 122 -23.54 -9.15 -0.23
CA LEU B 122 -23.56 -10.61 -0.42
C LEU B 122 -24.67 -11.03 -1.39
N GLU B 123 -25.84 -10.39 -1.33
CA GLU B 123 -26.93 -10.73 -2.26
C GLU B 123 -26.50 -10.39 -3.68
N CYS B 124 -25.83 -9.24 -3.86
CA CYS B 124 -25.33 -8.86 -5.20
C CYS B 124 -24.28 -9.83 -5.72
N ILE B 125 -23.41 -10.30 -4.84
CA ILE B 125 -22.41 -11.30 -5.25
C ILE B 125 -23.14 -12.59 -5.63
N ARG B 126 -24.13 -12.97 -4.82
CA ARG B 126 -24.95 -14.16 -5.13
C ARG B 126 -25.56 -14.05 -6.53
N ARG B 127 -26.25 -12.94 -6.80
CA ARG B 127 -26.86 -12.67 -8.12
C ARG B 127 -25.82 -12.71 -9.22
N LEU B 128 -24.63 -12.22 -8.93
CA LEU B 128 -23.55 -12.20 -9.92
C LEU B 128 -23.04 -13.61 -10.22
N ILE B 129 -22.90 -14.43 -9.19
CA ILE B 129 -22.46 -15.81 -9.41
C ILE B 129 -23.58 -16.58 -10.13
N GLU B 130 -24.84 -16.33 -9.77
CA GLU B 130 -26.02 -16.93 -10.44
C GLU B 130 -25.89 -16.70 -11.95
N VAL B 131 -25.81 -15.42 -12.33
CA VAL B 131 -25.67 -15.04 -13.74
C VAL B 131 -24.56 -15.83 -14.43
N ASP B 132 -23.41 -15.97 -13.78
CA ASP B 132 -22.28 -16.72 -14.34
C ASP B 132 -22.10 -18.15 -13.81
N LYS B 133 -23.16 -18.73 -13.25
CA LYS B 133 -23.06 -20.07 -12.62
C LYS B 133 -22.40 -21.14 -13.50
N ASP B 134 -22.65 -21.11 -14.81
CA ASP B 134 -22.04 -22.09 -15.74
C ASP B 134 -20.50 -22.04 -15.76
N TRP B 135 -19.93 -20.92 -15.31
CA TRP B 135 -18.45 -20.75 -15.22
C TRP B 135 -17.84 -21.50 -14.03
N VAL B 136 -18.64 -21.77 -13.00
CA VAL B 136 -18.15 -22.50 -11.84
C VAL B 136 -17.90 -23.95 -12.26
N PRO B 137 -16.62 -24.36 -12.33
CA PRO B 137 -16.32 -25.72 -12.74
C PRO B 137 -16.73 -26.72 -11.65
N ASP B 138 -16.75 -28.00 -11.98
CA ASP B 138 -17.17 -29.06 -11.03
C ASP B 138 -16.21 -30.24 -10.91
N ALA B 139 -15.08 -30.19 -11.61
CA ALA B 139 -14.10 -31.26 -11.50
C ALA B 139 -13.53 -31.26 -10.09
N ALA B 140 -12.96 -32.38 -9.66
CA ALA B 140 -12.37 -32.45 -8.34
C ALA B 140 -11.31 -31.35 -8.18
N GLY B 141 -11.31 -30.70 -7.02
CA GLY B 141 -10.33 -29.66 -6.72
C GLY B 141 -10.57 -28.27 -7.32
N THR B 142 -11.64 -28.12 -8.10
CA THR B 142 -11.94 -26.84 -8.75
C THR B 142 -13.01 -26.04 -8.00
N SER B 143 -13.00 -24.74 -8.26
CA SER B 143 -13.87 -23.80 -7.61
C SER B 143 -13.89 -22.50 -8.41
N LEU B 144 -14.69 -21.54 -7.96
CA LEU B 144 -14.74 -20.23 -8.56
C LEU B 144 -14.20 -19.27 -7.51
N TYR B 145 -13.15 -18.51 -7.88
CA TYR B 145 -12.59 -17.50 -6.96
C TYR B 145 -13.31 -16.19 -7.18
N VAL B 146 -13.76 -15.60 -6.08
CA VAL B 146 -14.51 -14.38 -6.06
C VAL B 146 -13.63 -13.28 -5.44
N ARG B 147 -13.50 -12.17 -6.17
CA ARG B 147 -12.59 -11.07 -5.81
C ARG B 147 -13.32 -9.77 -5.83
N PRO B 148 -13.92 -9.40 -4.67
CA PRO B 148 -14.43 -8.08 -4.45
C PRO B 148 -13.28 -7.09 -4.17
N VAL B 149 -13.49 -5.84 -4.58
CA VAL B 149 -12.52 -4.76 -4.40
C VAL B 149 -13.26 -3.48 -4.11
N LEU B 150 -12.71 -2.67 -3.20
CA LEU B 150 -13.21 -1.34 -2.94
C LEU B 150 -12.02 -0.43 -3.05
N ILE B 151 -12.08 0.54 -3.98
CA ILE B 151 -11.01 1.53 -4.18
C ILE B 151 -11.52 2.97 -4.06
N GLY B 152 -10.65 3.86 -3.55
CA GLY B 152 -10.91 5.29 -3.52
C GLY B 152 -10.76 5.80 -4.94
N ASN B 153 -11.40 6.92 -5.24
CA ASN B 153 -11.37 7.43 -6.62
C ASN B 153 -11.49 8.95 -6.65
N GLU B 154 -10.69 9.61 -5.80
CA GLU B 154 -10.69 11.05 -5.73
C GLU B 154 -9.72 11.61 -6.76
N PRO B 155 -10.18 12.56 -7.59
CA PRO B 155 -9.29 13.18 -8.56
C PRO B 155 -8.47 14.30 -7.93
N SER B 156 -7.67 13.99 -6.90
CA SER B 156 -6.89 15.01 -6.18
C SER B 156 -5.58 14.47 -5.64
N LEU B 157 -4.54 15.29 -5.68
CA LEU B 157 -3.24 14.88 -5.16
C LEU B 157 -3.08 15.09 -3.61
N GLY B 158 -4.07 15.70 -2.98
CA GLY B 158 -4.06 15.87 -1.52
C GLY B 158 -4.36 14.52 -0.89
N VAL B 159 -3.60 14.14 0.13
CA VAL B 159 -3.85 12.89 0.84
C VAL B 159 -5.03 13.18 1.73
N SER B 160 -6.19 12.62 1.38
CA SER B 160 -7.40 12.95 2.09
C SER B 160 -8.49 11.88 1.98
N GLN B 161 -9.57 12.09 2.74
CA GLN B 161 -10.69 11.15 2.71
C GLN B 161 -11.38 11.25 1.37
N PRO B 162 -11.50 10.13 0.65
CA PRO B 162 -12.11 10.19 -0.66
C PRO B 162 -13.57 10.56 -0.56
N THR B 163 -14.01 11.32 -1.55
CA THR B 163 -15.40 11.72 -1.71
C THR B 163 -15.97 10.91 -2.87
N ARG B 164 -15.16 10.02 -3.43
CA ARG B 164 -15.58 9.09 -4.48
C ARG B 164 -14.97 7.70 -4.25
N ALA B 165 -15.70 6.67 -4.67
CA ALA B 165 -15.24 5.30 -4.54
C ALA B 165 -15.95 4.40 -5.52
N LEU B 166 -15.33 3.26 -5.82
CA LEU B 166 -15.89 2.24 -6.71
C LEU B 166 -15.77 0.89 -6.00
N LEU B 167 -16.85 0.11 -6.03
CA LEU B 167 -16.85 -1.24 -5.47
C LEU B 167 -17.17 -2.16 -6.59
N PHE B 168 -16.23 -3.06 -6.89
CA PHE B 168 -16.46 -4.04 -7.93
C PHE B 168 -16.07 -5.44 -7.48
N VAL B 169 -16.50 -6.42 -8.28
CA VAL B 169 -16.32 -7.84 -8.01
C VAL B 169 -16.15 -8.58 -9.29
N ILE B 170 -15.04 -9.30 -9.41
CA ILE B 170 -14.77 -10.13 -10.56
C ILE B 170 -14.64 -11.59 -10.09
N LEU B 171 -14.69 -12.51 -11.05
CA LEU B 171 -14.68 -13.95 -10.80
C LEU B 171 -13.70 -14.68 -11.69
N CYS B 172 -13.07 -15.72 -11.15
CA CYS B 172 -12.12 -16.53 -11.89
C CYS B 172 -12.41 -17.98 -11.60
N PRO B 173 -12.66 -18.79 -12.63
CA PRO B 173 -12.66 -20.24 -12.36
C PRO B 173 -11.24 -20.64 -12.05
N VAL B 174 -11.04 -21.45 -11.02
CA VAL B 174 -9.70 -21.89 -10.68
C VAL B 174 -9.64 -23.42 -10.62
N GLY B 175 -8.45 -23.95 -10.88
CA GLY B 175 -8.25 -25.38 -10.95
C GLY B 175 -7.71 -25.92 -9.65
N ALA B 176 -7.44 -27.22 -9.65
CA ALA B 176 -6.90 -27.92 -8.49
C ALA B 176 -5.43 -27.52 -8.30
N TYR B 177 -5.15 -26.77 -7.23
CA TYR B 177 -3.78 -26.37 -6.92
C TYR B 177 -2.82 -27.55 -6.68
N PHE B 178 -3.33 -28.67 -6.16
CA PHE B 178 -2.53 -29.88 -5.96
C PHE B 178 -2.86 -30.96 -6.99
N SER B 182 -2.85 -34.44 -4.96
CA SER B 182 -2.29 -34.76 -3.64
C SER B 182 -1.35 -33.64 -3.16
N VAL B 183 -1.45 -33.31 -1.88
CA VAL B 183 -0.70 -32.20 -1.28
C VAL B 183 0.82 -32.27 -1.47
N THR B 184 1.37 -31.26 -2.16
CA THR B 184 2.82 -31.12 -2.36
C THR B 184 3.36 -30.02 -1.42
N PRO B 185 4.37 -30.35 -0.59
CA PRO B 185 4.86 -29.43 0.43
C PRO B 185 5.86 -28.39 -0.06
N VAL B 186 5.99 -27.29 0.67
CA VAL B 186 6.91 -26.22 0.27
C VAL B 186 8.04 -25.95 1.26
N SER B 187 9.03 -25.24 0.76
CA SER B 187 10.17 -24.75 1.54
C SER B 187 9.98 -23.26 1.79
N LEU B 188 10.48 -22.78 2.93
CA LEU B 188 10.31 -21.42 3.34
C LEU B 188 11.65 -20.78 3.68
N LEU B 189 11.76 -19.50 3.37
CA LEU B 189 12.89 -18.70 3.80
C LEU B 189 12.45 -17.89 5.03
N ALA B 190 13.19 -18.09 6.12
CA ALA B 190 12.96 -17.38 7.38
C ALA B 190 14.13 -16.43 7.63
N ASP B 191 13.97 -15.19 7.18
CA ASP B 191 14.96 -14.14 7.32
C ASP B 191 14.31 -12.93 8.00
N PRO B 192 14.76 -12.58 9.22
CA PRO B 192 14.13 -11.53 10.01
C PRO B 192 14.30 -10.10 9.45
N ALA B 193 15.18 -9.91 8.47
CA ALA B 193 15.34 -8.61 7.82
C ALA B 193 14.05 -8.11 7.19
N PHE B 194 13.21 -9.04 6.75
CA PHE B 194 11.95 -8.73 6.04
C PHE B 194 10.76 -8.70 7.00
N ILE B 195 10.16 -7.53 7.17
CA ILE B 195 9.02 -7.39 8.08
C ILE B 195 7.71 -7.05 7.35
N ARG B 196 6.77 -8.01 7.35
CA ARG B 196 5.48 -7.89 6.67
C ARG B 196 4.49 -6.87 7.29
N ALA B 197 4.55 -6.74 8.61
CA ALA B 197 3.54 -5.97 9.38
C ALA B 197 4.03 -5.73 10.81
N TRP B 198 3.49 -4.69 11.43
CA TRP B 198 3.95 -4.19 12.71
C TRP B 198 2.71 -3.91 13.57
N VAL B 199 2.83 -4.11 14.89
CA VAL B 199 1.73 -3.84 15.81
C VAL B 199 1.44 -2.36 15.71
N GLY B 200 0.17 -2.03 15.60
CA GLY B 200 -0.24 -0.65 15.36
C GLY B 200 -0.35 -0.35 13.88
N GLY B 201 0.06 -1.30 13.03
CA GLY B 201 -0.03 -1.12 11.57
C GLY B 201 -1.36 -1.60 11.00
N VAL B 202 -1.33 -2.07 9.76
CA VAL B 202 -2.53 -2.50 9.05
C VAL B 202 -2.38 -3.89 8.46
N GLY B 203 -1.44 -4.66 9.00
CA GLY B 203 -1.20 -6.04 8.57
C GLY B 203 -2.40 -6.96 8.75
N ASN B 204 -3.26 -6.64 9.70
CA ASN B 204 -4.48 -7.41 9.95
C ASN B 204 -5.70 -7.03 9.08
N TYR B 205 -5.47 -6.24 8.04
CA TYR B 205 -6.51 -5.87 7.07
C TYR B 205 -6.06 -6.29 5.69
N LYS B 206 -7.00 -6.60 4.82
CA LYS B 206 -6.68 -7.11 3.50
C LYS B 206 -6.59 -5.92 2.56
N LEU B 207 -5.55 -5.12 2.76
CA LEU B 207 -5.30 -3.89 2.03
C LEU B 207 -4.20 -4.16 1.06
N GLY B 208 -4.37 -3.66 -0.16
CA GLY B 208 -3.40 -3.83 -1.25
C GLY B 208 -1.99 -3.46 -0.86
N GLY B 209 -1.83 -2.36 -0.14
CA GLY B 209 -0.53 -1.90 0.33
C GLY B 209 0.31 -2.90 1.07
N ASN B 210 -0.32 -3.93 1.62
CA ASN B 210 0.44 -4.94 2.36
C ASN B 210 1.12 -5.94 1.46
N TYR B 211 0.77 -5.95 0.16
CA TYR B 211 1.23 -7.00 -0.75
C TYR B 211 2.34 -6.60 -1.72
N GLY B 212 2.21 -5.43 -2.33
CA GLY B 212 3.27 -4.90 -3.20
C GLY B 212 4.68 -5.09 -2.67
N PRO B 213 4.94 -4.68 -1.42
CA PRO B 213 6.29 -4.78 -0.85
C PRO B 213 6.83 -6.18 -0.67
N THR B 214 5.95 -7.18 -0.71
CA THR B 214 6.36 -8.55 -0.57
C THR B 214 6.86 -9.17 -1.88
N VAL B 215 6.60 -8.53 -3.02
CA VAL B 215 7.01 -9.13 -4.29
C VAL B 215 8.54 -9.33 -4.33
N LEU B 216 9.29 -8.30 -3.95
CA LEU B 216 10.76 -8.39 -3.95
C LEU B 216 11.23 -9.47 -2.98
N VAL B 217 10.59 -9.55 -1.82
CA VAL B 217 11.00 -10.52 -0.80
C VAL B 217 10.86 -11.94 -1.32
N GLN B 218 9.74 -12.19 -1.99
CA GLN B 218 9.48 -13.48 -2.58
C GLN B 218 10.54 -13.83 -3.63
N GLN B 219 10.95 -12.89 -4.46
CA GLN B 219 12.04 -13.17 -5.40
C GLN B 219 13.30 -13.60 -4.69
N GLU B 220 13.62 -12.93 -3.58
CA GLU B 220 14.79 -13.27 -2.80
C GLU B 220 14.69 -14.70 -2.27
N ALA B 221 13.48 -15.10 -1.88
CA ALA B 221 13.23 -16.46 -1.43
C ALA B 221 13.52 -17.44 -2.56
N LEU B 222 12.99 -17.17 -3.75
CA LEU B 222 13.28 -18.00 -4.93
C LEU B 222 14.78 -18.03 -5.27
N LYS B 223 15.46 -16.88 -5.19
CA LYS B 223 16.91 -16.86 -5.46
C LYS B 223 17.65 -17.75 -4.48
N ARG B 224 17.19 -17.80 -3.24
CA ARG B 224 17.87 -18.62 -2.22
C ARG B 224 17.35 -20.07 -2.16
N GLY B 225 16.65 -20.50 -3.20
CA GLY B 225 16.17 -21.88 -3.31
C GLY B 225 14.98 -22.22 -2.45
N CYS B 226 14.23 -21.22 -1.98
CA CYS B 226 12.98 -21.44 -1.24
C CYS B 226 11.79 -21.08 -2.10
N GLU B 227 10.61 -21.50 -1.68
CA GLU B 227 9.40 -21.27 -2.46
C GLU B 227 8.48 -20.18 -1.90
N GLN B 228 8.49 -19.97 -0.59
CA GLN B 228 7.61 -18.97 0.01
C GLN B 228 8.35 -18.32 1.14
N VAL B 229 7.76 -17.25 1.68
CA VAL B 229 8.37 -16.51 2.76
C VAL B 229 7.69 -16.81 4.09
N LEU B 230 8.50 -17.20 5.08
CA LEU B 230 8.07 -17.30 6.46
C LEU B 230 8.36 -15.95 7.11
N TRP B 231 7.31 -15.21 7.45
CA TRP B 231 7.46 -13.85 7.95
C TRP B 231 7.70 -13.88 9.43
N LEU B 232 8.86 -13.39 9.86
CA LEU B 232 9.20 -13.42 11.30
C LEU B 232 8.96 -12.04 11.89
N TYR B 233 8.64 -12.00 13.17
CA TYR B 233 8.40 -10.73 13.83
C TYR B 233 9.04 -10.67 15.19
N GLY B 234 9.56 -9.49 15.52
CA GLY B 234 10.07 -9.21 16.84
C GLY B 234 11.43 -9.81 17.09
N PRO B 235 12.09 -9.36 18.16
CA PRO B 235 13.43 -9.81 18.52
C PRO B 235 13.50 -11.30 18.82
N ASP B 236 12.37 -11.89 19.24
CA ASP B 236 12.29 -13.34 19.51
C ASP B 236 11.85 -14.17 18.29
N HIS B 237 11.93 -13.57 17.09
CA HIS B 237 11.58 -14.26 15.84
C HIS B 237 10.28 -15.08 15.88
N GLN B 238 9.20 -14.40 16.18
CA GLN B 238 7.88 -15.04 16.15
C GLN B 238 7.50 -15.41 14.72
N LEU B 239 6.96 -16.61 14.52
CA LEU B 239 6.44 -17.00 13.23
C LEU B 239 5.03 -16.39 13.12
N THR B 240 4.80 -15.58 12.09
CA THR B 240 3.51 -14.89 11.95
C THR B 240 2.68 -15.46 10.82
N GLU B 241 3.20 -15.41 9.61
CA GLU B 241 2.51 -15.89 8.41
C GLU B 241 3.49 -16.48 7.42
N VAL B 242 2.94 -17.22 6.47
CA VAL B 242 3.70 -17.84 5.42
C VAL B 242 3.08 -17.42 4.12
N GLY B 243 3.82 -16.59 3.39
CA GLY B 243 3.38 -16.05 2.13
C GLY B 243 2.17 -15.25 2.50
N THR B 244 1.10 -15.46 1.74
CA THR B 244 -0.19 -14.91 2.02
C THR B 244 -1.13 -15.97 2.69
N MET B 245 -0.58 -16.78 3.61
CA MET B 245 -1.38 -17.80 4.32
C MET B 245 -1.08 -17.74 5.83
N ASN B 246 -2.05 -18.11 6.65
CA ASN B 246 -1.80 -18.20 8.09
C ASN B 246 -0.99 -19.46 8.38
N ILE B 247 -0.27 -19.47 9.49
CA ILE B 247 0.57 -20.61 9.82
C ILE B 247 0.07 -21.38 11.06
N PHE B 248 0.06 -22.71 10.91
CA PHE B 248 -0.33 -23.66 11.95
C PHE B 248 0.80 -24.65 12.26
N VAL B 249 0.96 -24.98 13.53
CA VAL B 249 1.93 -26.02 13.94
C VAL B 249 1.23 -27.11 14.79
N TYR B 250 1.38 -28.36 14.38
CA TYR B 250 0.84 -29.49 15.12
C TYR B 250 2.01 -30.15 15.84
N TRP B 251 2.04 -30.06 17.16
CA TRP B 251 3.17 -30.57 17.93
C TRP B 251 2.77 -30.97 19.35
N THR B 252 3.70 -31.63 20.05
CA THR B 252 3.53 -31.88 21.47
C THR B 252 4.25 -30.73 22.13
N HIS B 253 3.54 -29.94 22.91
CA HIS B 253 4.11 -28.74 23.52
C HIS B 253 5.11 -29.08 24.63
N GLU B 254 5.79 -28.06 25.13
CA GLU B 254 6.75 -28.19 26.24
C GLU B 254 6.17 -28.79 27.53
N ASP B 255 4.84 -28.74 27.70
CA ASP B 255 4.18 -29.33 28.87
C ASP B 255 3.70 -30.77 28.64
N GLY B 256 4.11 -31.36 27.51
CA GLY B 256 3.76 -32.74 27.19
C GLY B 256 2.41 -32.94 26.52
N VAL B 257 1.66 -31.86 26.30
CA VAL B 257 0.31 -31.94 25.70
C VAL B 257 0.32 -31.71 24.17
N LEU B 258 -0.17 -32.71 23.43
CA LEU B 258 -0.34 -32.61 21.97
C LEU B 258 -1.32 -31.48 21.64
N GLU B 259 -0.88 -30.52 20.82
CA GLU B 259 -1.71 -29.37 20.50
C GLU B 259 -1.61 -28.90 19.05
N LEU B 260 -2.61 -28.14 18.64
CA LEU B 260 -2.54 -27.42 17.39
C LEU B 260 -2.45 -25.97 17.79
N VAL B 261 -1.37 -25.30 17.40
CA VAL B 261 -1.16 -23.89 17.72
C VAL B 261 -1.09 -23.02 16.46
N THR B 262 -1.60 -21.79 16.56
CA THR B 262 -1.50 -20.81 15.49
C THR B 262 -1.38 -19.44 16.15
N PRO B 263 -0.59 -18.53 15.58
CA PRO B 263 -0.39 -17.28 16.26
C PRO B 263 -1.68 -16.53 16.46
N PRO B 264 -1.78 -15.79 17.57
CA PRO B 264 -3.02 -15.09 17.85
C PRO B 264 -3.12 -13.79 17.10
N LEU B 265 -4.33 -13.26 17.09
CA LEU B 265 -4.63 -12.06 16.36
C LEU B 265 -4.20 -10.85 17.19
N ASN B 266 -2.90 -10.62 17.20
CA ASN B 266 -2.31 -9.54 17.97
C ASN B 266 -2.05 -8.28 17.14
N GLY B 267 -2.45 -8.30 15.86
CA GLY B 267 -2.27 -7.12 14.99
C GLY B 267 -1.45 -7.35 13.73
N VAL B 268 -0.47 -8.25 13.80
CA VAL B 268 0.39 -8.53 12.66
C VAL B 268 -0.11 -9.75 11.90
N ILE B 269 -1.27 -10.29 12.27
CA ILE B 269 -1.83 -11.48 11.66
C ILE B 269 -3.14 -11.16 10.94
N LEU B 270 -3.29 -11.65 9.71
CA LEU B 270 -4.55 -11.46 8.94
C LEU B 270 -5.49 -12.57 9.42
N PRO B 271 -6.69 -12.21 9.89
CA PRO B 271 -7.57 -13.26 10.41
C PRO B 271 -8.25 -14.03 9.29
N GLY B 272 -7.60 -15.09 8.82
CA GLY B 272 -8.12 -15.89 7.74
C GLY B 272 -9.39 -16.65 8.05
N VAL B 273 -10.18 -16.85 7.02
CA VAL B 273 -11.43 -17.58 7.10
C VAL B 273 -11.09 -19.07 7.19
N VAL B 274 -10.05 -19.52 6.48
CA VAL B 274 -9.67 -20.93 6.57
C VAL B 274 -9.09 -21.14 7.97
N ARG B 275 -8.17 -20.26 8.38
CA ARG B 275 -7.58 -20.29 9.75
C ARG B 275 -8.63 -20.50 10.88
N GLN B 276 -9.66 -19.67 10.88
CA GLN B 276 -10.74 -19.77 11.88
C GLN B 276 -11.48 -21.11 11.75
N SER B 277 -11.70 -21.55 10.51
CA SER B 277 -12.38 -22.78 10.24
C SER B 277 -11.62 -24.02 10.76
N LEU B 278 -10.30 -24.00 10.65
CA LEU B 278 -9.46 -25.08 11.16
C LEU B 278 -9.50 -25.08 12.70
N LEU B 279 -9.53 -23.88 13.29
CA LEU B 279 -9.69 -23.78 14.73
C LEU B 279 -11.06 -24.35 15.14
N ASP B 280 -12.13 -23.93 14.46
CA ASP B 280 -13.48 -24.41 14.74
C ASP B 280 -13.60 -25.95 14.59
N MET B 281 -13.07 -26.49 13.51
CA MET B 281 -13.08 -27.94 13.28
C MET B 281 -12.32 -28.72 14.35
N ALA B 282 -11.12 -28.26 14.68
CA ALA B 282 -10.27 -28.97 15.63
C ALA B 282 -10.87 -28.95 17.03
N GLN B 283 -11.44 -27.81 17.43
CA GLN B 283 -12.11 -27.71 18.73
C GLN B 283 -13.31 -28.65 18.79
N THR B 284 -14.12 -28.66 17.74
CA THR B 284 -15.32 -29.51 17.67
C THR B 284 -15.00 -31.01 17.85
N TRP B 285 -13.92 -31.46 17.24
CA TRP B 285 -13.44 -32.82 17.42
C TRP B 285 -13.10 -33.16 18.88
N GLY B 286 -12.59 -32.20 19.62
CA GLY B 286 -12.24 -32.38 21.03
C GLY B 286 -11.09 -33.35 21.33
N GLU B 287 -10.33 -33.73 20.32
CA GLU B 287 -9.30 -34.75 20.47
C GLU B 287 -7.92 -34.29 20.95
N PHE B 288 -7.61 -33.00 20.76
CA PHE B 288 -6.33 -32.44 21.23
C PHE B 288 -6.49 -30.96 21.58
N ARG B 289 -5.51 -30.42 22.29
CA ARG B 289 -5.53 -29.01 22.63
C ARG B 289 -5.48 -28.15 21.34
N VAL B 290 -6.31 -27.12 21.32
CA VAL B 290 -6.37 -26.17 20.21
C VAL B 290 -6.17 -24.81 20.83
N VAL B 291 -5.09 -24.13 20.44
CA VAL B 291 -4.73 -22.88 21.08
C VAL B 291 -4.17 -21.81 20.11
N GLU B 292 -4.34 -20.56 20.49
CA GLU B 292 -3.79 -19.44 19.77
C GLU B 292 -2.70 -18.84 20.67
N ARG B 293 -1.44 -19.02 20.29
CA ARG B 293 -0.30 -18.58 21.07
C ARG B 293 0.88 -18.26 20.16
N THR B 294 1.66 -17.28 20.59
CA THR B 294 2.90 -16.93 19.91
C THR B 294 3.76 -18.17 19.74
N ILE B 295 4.37 -18.31 18.57
CA ILE B 295 5.31 -19.39 18.26
C ILE B 295 6.63 -18.71 17.89
N THR B 296 7.70 -19.03 18.62
CA THR B 296 9.03 -18.47 18.33
C THR B 296 9.89 -19.48 17.61
N MET B 297 10.89 -19.01 16.85
CA MET B 297 11.84 -19.92 16.21
C MET B 297 12.63 -20.72 17.27
N LYS B 298 12.96 -20.10 18.40
CA LYS B 298 13.63 -20.81 19.48
C LYS B 298 12.78 -21.99 19.95
N GLN B 299 11.47 -21.80 20.05
CA GLN B 299 10.55 -22.88 20.42
C GLN B 299 10.49 -23.94 19.36
N LEU B 300 10.40 -23.53 18.09
CA LEU B 300 10.31 -24.53 17.03
C LEU B 300 11.59 -25.36 16.98
N LEU B 301 12.74 -24.72 17.20
CA LEU B 301 14.01 -25.43 17.15
C LEU B 301 14.13 -26.51 18.21
N ARG B 302 13.86 -26.16 19.47
CA ARG B 302 13.93 -27.12 20.55
C ARG B 302 12.94 -28.26 20.34
N ALA B 303 11.75 -27.94 19.86
CA ALA B 303 10.74 -28.95 19.56
C ALA B 303 11.18 -29.88 18.42
N LEU B 304 11.91 -29.34 17.44
CA LEU B 304 12.40 -30.18 16.33
C LEU B 304 13.54 -31.11 16.73
N GLU B 305 14.39 -30.69 17.67
CA GLU B 305 15.46 -31.57 18.17
C GLU B 305 14.91 -32.73 18.99
N GLU B 306 13.95 -32.42 19.86
CA GLU B 306 13.33 -33.39 20.75
C GLU B 306 12.22 -34.19 20.05
N GLY B 307 12.16 -34.10 18.72
CA GLY B 307 11.17 -34.84 17.91
C GLY B 307 9.69 -34.55 18.18
N ARG B 308 9.37 -33.40 18.78
CA ARG B 308 7.98 -33.13 19.19
C ARG B 308 7.03 -32.54 18.15
N VAL B 309 7.58 -32.16 17.00
CA VAL B 309 6.81 -31.54 15.91
C VAL B 309 6.26 -32.58 14.96
N ARG B 310 4.95 -32.57 14.75
CA ARG B 310 4.34 -33.46 13.75
C ARG B 310 4.15 -32.81 12.39
N GLU B 311 3.46 -31.67 12.36
CA GLU B 311 3.13 -31.02 11.07
C GLU B 311 3.17 -29.51 11.13
N VAL B 312 3.57 -28.90 10.00
CA VAL B 312 3.56 -27.45 9.84
C VAL B 312 2.90 -27.17 8.52
N PHE B 313 1.97 -26.22 8.50
CA PHE B 313 1.26 -25.92 7.26
C PHE B 313 0.67 -24.50 7.20
N GLY B 314 0.38 -24.08 5.98
CA GLY B 314 -0.26 -22.81 5.76
C GLY B 314 -1.73 -23.04 5.54
N SER B 315 -2.54 -22.03 5.86
CA SER B 315 -3.99 -22.05 5.62
C SER B 315 -4.38 -20.79 4.82
N GLY B 316 -5.24 -20.96 3.82
CA GLY B 316 -5.69 -19.83 3.02
C GLY B 316 -6.64 -20.23 1.94
N THR B 317 -7.40 -19.30 1.40
CA THR B 317 -8.43 -19.63 0.39
C THR B 317 -7.85 -20.18 -0.92
N ALA B 318 -6.83 -19.53 -1.47
CA ALA B 318 -6.28 -19.97 -2.77
C ALA B 318 -5.68 -21.35 -2.74
N CYS B 319 -4.91 -21.68 -1.70
CA CYS B 319 -4.21 -22.96 -1.62
C CYS B 319 -4.70 -23.86 -0.50
N GLN B 320 -5.85 -23.51 0.07
CA GLN B 320 -6.48 -24.24 1.17
C GLN B 320 -5.53 -24.60 2.31
N VAL B 321 -5.00 -25.83 2.35
CA VAL B 321 -4.09 -26.22 3.44
C VAL B 321 -2.81 -26.79 2.81
N CYS B 322 -1.68 -26.10 3.04
CA CYS B 322 -0.43 -26.44 2.34
C CYS B 322 0.69 -26.88 3.26
N PRO B 323 1.20 -28.12 3.07
CA PRO B 323 2.28 -28.62 3.94
C PRO B 323 3.62 -27.92 3.72
N VAL B 324 4.42 -27.83 4.77
CA VAL B 324 5.77 -27.27 4.75
C VAL B 324 6.76 -28.37 5.16
N HIS B 325 7.86 -28.51 4.44
CA HIS B 325 8.86 -29.54 4.75
C HIS B 325 10.27 -29.00 5.07
N ARG B 326 10.53 -27.73 4.73
CA ARG B 326 11.85 -27.13 4.95
C ARG B 326 11.81 -25.62 5.21
N ILE B 327 12.57 -25.20 6.21
CA ILE B 327 12.72 -23.80 6.55
C ILE B 327 14.21 -23.45 6.57
N LEU B 328 14.59 -22.48 5.75
CA LEU B 328 15.97 -21.96 5.68
C LEU B 328 16.10 -20.77 6.60
N TYR B 329 16.73 -20.99 7.74
CA TYR B 329 16.86 -19.98 8.81
C TYR B 329 18.32 -19.83 9.25
N LYS B 330 18.83 -18.60 9.18
CA LYS B 330 20.22 -18.33 9.54
C LYS B 330 21.14 -19.23 8.71
N ASP B 331 20.90 -19.25 7.40
CA ASP B 331 21.66 -20.04 6.43
C ASP B 331 21.62 -21.57 6.64
N ARG B 332 20.98 -22.02 7.73
CA ARG B 332 20.84 -23.44 8.05
C ARG B 332 19.44 -23.95 7.66
N ASN B 333 19.39 -24.97 6.81
CA ASN B 333 18.12 -25.61 6.43
C ASN B 333 17.59 -26.47 7.57
N LEU B 334 16.37 -26.19 8.03
CA LEU B 334 15.71 -27.00 9.06
C LEU B 334 14.71 -27.91 8.35
N HIS B 335 14.72 -29.19 8.66
CA HIS B 335 13.77 -30.14 8.04
C HIS B 335 12.54 -30.23 8.91
N ILE B 336 11.39 -30.23 8.26
CA ILE B 336 10.12 -30.28 8.95
C ILE B 336 9.47 -31.60 8.55
N PRO B 337 9.30 -32.52 9.52
CA PRO B 337 8.80 -33.85 9.23
C PRO B 337 7.29 -33.92 8.99
N THR B 338 6.72 -32.88 8.38
CA THR B 338 5.29 -32.84 8.11
C THR B 338 4.80 -34.05 7.35
N MET B 339 5.46 -34.34 6.23
CA MET B 339 5.02 -35.40 5.33
C MET B 339 5.18 -36.82 5.92
N GLU B 340 6.17 -36.97 6.78
CA GLU B 340 6.41 -38.21 7.49
C GLU B 340 5.32 -38.52 8.50
N ASN B 341 4.63 -37.48 8.97
CA ASN B 341 3.55 -37.65 9.93
C ASN B 341 2.19 -37.82 9.26
N GLY B 342 2.21 -38.07 7.96
CA GLY B 342 1.02 -38.39 7.18
C GLY B 342 0.94 -37.68 5.84
N PRO B 343 0.65 -36.37 5.82
CA PRO B 343 0.36 -35.55 6.98
C PRO B 343 -1.10 -35.78 7.40
N GLU B 344 -1.29 -36.44 8.54
CA GLU B 344 -2.60 -36.89 8.97
C GLU B 344 -3.54 -35.73 9.23
N LEU B 345 -3.11 -34.79 10.05
CA LEU B 345 -3.97 -33.64 10.40
C LEU B 345 -4.38 -32.92 9.15
N ILE B 346 -3.42 -32.63 8.29
CA ILE B 346 -3.69 -31.89 7.07
C ILE B 346 -4.70 -32.61 6.21
N LEU B 347 -4.48 -33.91 6.03
CA LEU B 347 -5.36 -34.75 5.20
C LEU B 347 -6.75 -34.86 5.78
N ARG B 348 -6.84 -34.89 7.10
CA ARG B 348 -8.14 -34.93 7.74
C ARG B 348 -8.84 -33.58 7.53
N PHE B 349 -8.09 -32.49 7.71
CA PHE B 349 -8.64 -31.15 7.48
C PHE B 349 -9.15 -31.02 6.06
N GLN B 350 -8.35 -31.49 5.12
CA GLN B 350 -8.68 -31.36 3.72
C GLN B 350 -9.95 -32.16 3.36
N LYS B 351 -10.06 -33.36 3.93
CA LYS B 351 -11.21 -34.21 3.64
C LYS B 351 -12.50 -33.58 4.12
N GLU B 352 -12.54 -33.13 5.38
CA GLU B 352 -13.76 -32.55 5.96
C GLU B 352 -14.18 -31.26 5.25
N LEU B 353 -13.21 -30.38 5.00
CA LEU B 353 -13.47 -29.16 4.21
C LEU B 353 -14.06 -29.50 2.86
N LYS B 354 -13.47 -30.46 2.18
CA LYS B 354 -13.97 -30.87 0.86
C LYS B 354 -15.41 -31.35 0.95
N GLU B 355 -15.70 -32.22 1.92
CA GLU B 355 -17.08 -32.75 2.11
C GLU B 355 -18.08 -31.60 2.32
N ILE B 356 -17.70 -30.64 3.13
CA ILE B 356 -18.53 -29.47 3.41
C ILE B 356 -18.65 -28.58 2.15
N GLN B 357 -17.53 -28.21 1.57
CA GLN B 357 -17.52 -27.28 0.44
C GLN B 357 -18.30 -27.80 -0.75
N TYR B 358 -18.20 -29.09 -1.03
CA TYR B 358 -18.88 -29.70 -2.18
C TYR B 358 -20.29 -30.25 -1.85
N GLY B 359 -20.79 -29.96 -0.65
CA GLY B 359 -22.15 -30.36 -0.24
C GLY B 359 -22.39 -31.82 0.16
N ILE B 360 -21.30 -32.58 0.36
CA ILE B 360 -21.38 -33.97 0.76
C ILE B 360 -22.00 -34.06 2.15
N ARG B 361 -21.60 -33.15 3.05
CA ARG B 361 -22.27 -32.98 4.34
C ARG B 361 -22.91 -31.62 4.34
N ALA B 362 -24.17 -31.55 4.76
CA ALA B 362 -24.85 -30.27 4.93
C ALA B 362 -24.17 -29.49 6.06
N HIS B 363 -24.09 -28.18 5.94
CA HIS B 363 -23.37 -27.37 6.94
C HIS B 363 -23.72 -25.91 6.81
N GLU B 364 -23.93 -25.27 7.95
CA GLU B 364 -24.28 -23.86 7.99
C GLU B 364 -23.20 -22.90 7.44
N TRP B 365 -21.99 -23.42 7.22
CA TRP B 365 -20.87 -22.67 6.71
C TRP B 365 -21.08 -22.32 5.23
N MET B 366 -21.84 -23.15 4.51
CA MET B 366 -22.07 -22.98 3.09
C MET B 366 -23.32 -22.17 2.83
N PHE B 367 -23.22 -21.27 1.85
CA PHE B 367 -24.25 -20.31 1.49
C PHE B 367 -24.59 -20.64 0.05
N PRO B 368 -25.82 -21.09 -0.20
CA PRO B 368 -26.19 -21.48 -1.55
C PRO B 368 -26.41 -20.30 -2.48
N VAL B 369 -26.06 -20.48 -3.73
CA VAL B 369 -26.22 -19.47 -4.72
C VAL B 369 -27.58 -19.69 -5.38
#